data_5C8W
#
_entry.id   5C8W
#
_cell.length_a   46.710
_cell.length_b   103.454
_cell.length_c   176.405
_cell.angle_alpha   90.00
_cell.angle_beta   90.00
_cell.angle_gamma   90.00
#
_symmetry.space_group_name_H-M   'P 21 21 21'
#
loop_
_entity.id
_entity.type
_entity.pdbx_description
1 polymer 'cGMP-dependent protein kinase 2'
2 non-polymer 'MALONIC ACID'
3 non-polymer 'CYCLIC GUANOSINE MONOPHOSPHATE'
4 non-polymer 'SODIUM ION'
5 water water
#
_entity_poly.entity_id   1
_entity_poly.type   'polypeptide(L)'
_entity_poly.pdbx_seq_one_letter_code
;GSNKPPEFSFEKARVRKDSSEKKLITDALNKNQFLKRLDPQQIKDMVECMYGRNYQQGSYIIKQGEPGNHIFVLAEGRLE
VFQGEKLLSSIPMWTTFGELAILYNCTRTASVKAITNVKTWALDREVFQNIMRRTAQARDEQY
;
_entity_poly.pdbx_strand_id   A,B,C,D,E,F
#
loop_
_chem_comp.id
_chem_comp.type
_chem_comp.name
_chem_comp.formula
MLA non-polymer 'MALONIC ACID' 'C3 H4 O4'
NA non-polymer 'SODIUM ION' 'Na 1'
PCG non-polymer 'CYCLIC GUANOSINE MONOPHOSPHATE' 'C10 H12 N5 O7 P'
#
# COMPACT_ATOMS: atom_id res chain seq x y z
N ARG A 16 0.94 -14.25 6.78
CA ARG A 16 1.68 -15.15 7.68
C ARG A 16 2.99 -14.50 8.13
N LYS A 17 2.87 -13.37 8.83
CA LYS A 17 4.00 -12.47 9.05
C LYS A 17 4.33 -12.25 10.53
N ASP A 18 5.17 -13.12 11.09
CA ASP A 18 5.49 -13.05 12.51
C ASP A 18 6.76 -12.23 12.77
N SER A 19 7.17 -12.17 14.03
CA SER A 19 8.30 -11.35 14.44
C SER A 19 9.56 -11.66 13.61
N SER A 20 9.83 -12.94 13.41
CA SER A 20 11.02 -13.35 12.66
C SER A 20 10.92 -12.97 11.17
N GLU A 21 9.74 -13.16 10.58
CA GLU A 21 9.55 -12.76 9.19
C GLU A 21 9.65 -11.24 9.01
N LYS A 22 9.14 -10.47 9.97
CA LYS A 22 9.27 -9.02 9.89
C LYS A 22 10.73 -8.60 9.96
N LYS A 23 11.57 -9.33 10.71
CA LYS A 23 12.99 -8.99 10.77
C LYS A 23 13.65 -9.25 9.43
N LEU A 24 13.31 -10.37 8.81
CA LEU A 24 13.80 -10.69 7.47
C LEU A 24 13.43 -9.61 6.45
N ILE A 25 12.18 -9.16 6.48
CA ILE A 25 11.72 -8.13 5.52
C ILE A 25 12.42 -6.82 5.83
N THR A 26 12.55 -6.49 7.11
CA THR A 26 13.19 -5.25 7.52
C THR A 26 14.63 -5.22 7.00
N ASP A 27 15.36 -6.29 7.25
CA ASP A 27 16.75 -6.37 6.81
C ASP A 27 16.87 -6.34 5.30
N ALA A 28 15.93 -6.96 4.57
CA ALA A 28 15.90 -6.88 3.10
C ALA A 28 15.77 -5.45 2.63
N LEU A 29 14.85 -4.73 3.26
CA LEU A 29 14.58 -3.35 2.85
C LEU A 29 15.82 -2.48 3.11
N ASN A 30 16.42 -2.66 4.29
CA ASN A 30 17.60 -1.85 4.64
C ASN A 30 18.86 -2.19 3.84
N LYS A 31 18.85 -3.28 3.06
CA LYS A 31 19.95 -3.53 2.12
C LYS A 31 19.92 -2.51 1.00
N ASN A 32 18.72 -2.03 0.69
CA ASN A 32 18.53 -1.20 -0.52
C ASN A 32 19.12 0.21 -0.32
N GLN A 33 19.90 0.71 -1.29
CA GLN A 33 20.59 1.98 -1.10
C GLN A 33 19.65 3.15 -0.83
N PHE A 34 18.48 3.12 -1.44
CA PHE A 34 17.50 4.18 -1.20
C PHE A 34 16.78 4.00 0.13
N LEU A 35 16.24 2.82 0.35
CA LEU A 35 15.35 2.61 1.46
C LEU A 35 16.09 2.73 2.78
N LYS A 36 17.38 2.44 2.81
CA LYS A 36 18.10 2.47 4.08
C LYS A 36 18.24 3.92 4.60
N ARG A 37 18.00 4.88 3.73
CA ARG A 37 18.05 6.28 4.08
C ARG A 37 16.72 6.78 4.62
N LEU A 38 15.71 5.91 4.66
CA LEU A 38 14.40 6.26 5.22
C LEU A 38 14.40 6.18 6.75
N ASP A 39 13.43 6.84 7.40
CA ASP A 39 13.32 6.75 8.84
C ASP A 39 12.99 5.31 9.25
N PRO A 40 13.45 4.86 10.41
CA PRO A 40 13.08 3.50 10.83
C PRO A 40 11.59 3.25 10.89
N GLN A 41 10.80 4.26 11.22
CA GLN A 41 9.36 4.06 11.31
C GLN A 41 8.78 3.84 9.92
N GLN A 42 9.38 4.49 8.91
CA GLN A 42 8.90 4.33 7.55
C GLN A 42 9.19 2.91 7.05
N ILE A 43 10.34 2.37 7.41
CA ILE A 43 10.64 0.99 7.08
C ILE A 43 9.66 0.05 7.82
N LYS A 44 9.42 0.32 9.09
CA LYS A 44 8.46 -0.47 9.86
C LYS A 44 7.07 -0.41 9.20
N ASP A 45 6.68 0.77 8.72
CA ASP A 45 5.38 0.93 8.05
C ASP A 45 5.34 0.07 6.80
N MET A 46 6.43 0.06 6.05
CA MET A 46 6.48 -0.72 4.84
C MET A 46 6.26 -2.20 5.16
N VAL A 47 6.97 -2.69 6.15
CA VAL A 47 6.92 -4.10 6.52
C VAL A 47 5.50 -4.46 6.94
N GLU A 48 4.93 -3.62 7.79
CA GLU A 48 3.59 -3.90 8.34
C GLU A 48 2.55 -3.91 7.23
N CYS A 49 2.75 -3.10 6.20
CA CYS A 49 1.75 -2.97 5.13
C CYS A 49 1.95 -3.96 3.98
N MET A 50 3.06 -4.70 4.00
CA MET A 50 3.29 -5.71 2.97
C MET A 50 2.37 -6.95 3.10
N TYR A 51 2.11 -7.58 1.98
CA TYR A 51 1.31 -8.78 1.96
C TYR A 51 1.93 -9.79 1.05
N GLY A 52 1.54 -11.06 1.22
CA GLY A 52 2.16 -12.11 0.41
C GLY A 52 1.65 -12.16 -1.00
N ARG A 53 2.56 -12.31 -1.96
CA ARG A 53 2.20 -12.67 -3.32
C ARG A 53 3.13 -13.78 -3.79
N ASN A 54 2.54 -14.90 -4.18
CA ASN A 54 3.31 -16.03 -4.68
C ASN A 54 3.10 -16.18 -6.17
N TYR A 55 4.10 -16.74 -6.84
CA TYR A 55 4.11 -16.91 -8.28
C TYR A 55 4.58 -18.28 -8.68
N GLN A 56 3.85 -18.88 -9.61
CA GLN A 56 4.22 -20.18 -10.15
C GLN A 56 5.39 -20.04 -11.08
N GLN A 57 6.22 -21.07 -11.12
CA GLN A 57 7.30 -21.15 -12.10
C GLN A 57 6.79 -20.80 -13.49
N GLY A 58 7.51 -19.92 -14.18
CA GLY A 58 7.17 -19.53 -15.53
C GLY A 58 6.48 -18.17 -15.60
N SER A 59 5.90 -17.70 -14.50
CA SER A 59 5.14 -16.46 -14.57
C SER A 59 6.04 -15.24 -14.41
N TYR A 60 5.58 -14.12 -14.95
CA TYR A 60 6.27 -12.88 -14.79
C TYR A 60 5.74 -12.14 -13.59
N ILE A 61 6.63 -11.72 -12.71
CA ILE A 61 6.28 -10.80 -11.64
C ILE A 61 6.17 -9.40 -12.19
N ILE A 62 7.15 -9.04 -13.02
CA ILE A 62 7.29 -7.73 -13.59
C ILE A 62 7.56 -7.86 -15.10
N LYS A 63 6.95 -6.98 -15.88
CA LYS A 63 7.18 -6.94 -17.31
C LYS A 63 7.75 -5.60 -17.69
N GLN A 64 8.87 -5.63 -18.42
CA GLN A 64 9.49 -4.43 -18.91
C GLN A 64 8.53 -3.51 -19.65
N GLY A 65 8.63 -2.23 -19.36
CA GLY A 65 7.89 -1.20 -20.05
C GLY A 65 6.52 -0.91 -19.49
N GLU A 66 6.10 -1.70 -18.51
CA GLU A 66 4.85 -1.45 -17.83
C GLU A 66 5.02 -0.43 -16.70
N PRO A 67 3.93 0.19 -16.26
CA PRO A 67 4.07 1.02 -15.09
C PRO A 67 4.35 0.15 -13.85
N GLY A 68 5.02 0.68 -12.85
CA GLY A 68 5.20 -0.16 -11.67
C GLY A 68 4.00 -0.03 -10.75
N ASN A 69 3.50 -1.09 -10.11
CA ASN A 69 2.45 -0.89 -9.12
C ASN A 69 2.75 -1.49 -7.75
N HIS A 70 3.90 -2.15 -7.62
CA HIS A 70 4.40 -2.70 -6.36
C HIS A 70 5.88 -2.61 -6.17
N ILE A 71 6.29 -2.56 -4.91
CA ILE A 71 7.64 -2.86 -4.51
C ILE A 71 7.59 -4.27 -3.91
N PHE A 72 8.60 -5.08 -4.24
CA PHE A 72 8.67 -6.47 -3.78
C PHE A 72 9.92 -6.78 -2.97
N VAL A 73 9.77 -7.80 -2.12
CA VAL A 73 10.91 -8.46 -1.50
C VAL A 73 10.83 -9.94 -1.86
N LEU A 74 11.92 -10.49 -2.37
CA LEU A 74 12.01 -11.93 -2.65
C LEU A 74 12.23 -12.71 -1.35
N ALA A 75 11.32 -13.64 -1.10
CA ALA A 75 11.31 -14.42 0.14
C ALA A 75 11.61 -15.91 -0.06
N GLU A 76 11.46 -16.42 -1.28
CA GLU A 76 11.74 -17.82 -1.55
C GLU A 76 11.68 -18.05 -3.04
N GLY A 77 12.59 -18.89 -3.55
CA GLY A 77 12.60 -19.27 -4.96
C GLY A 77 13.54 -18.45 -5.82
N ARG A 78 13.60 -18.78 -7.11
CA ARG A 78 14.55 -18.13 -8.02
C ARG A 78 13.87 -17.16 -8.98
N LEU A 79 14.34 -15.92 -8.97
CA LEU A 79 13.86 -14.90 -9.89
C LEU A 79 14.99 -14.45 -10.77
N GLU A 80 14.73 -14.37 -12.08
CA GLU A 80 15.72 -13.83 -12.99
C GLU A 80 15.20 -12.63 -13.75
N VAL A 81 16.16 -11.78 -14.09
CA VAL A 81 15.90 -10.48 -14.71
C VAL A 81 16.33 -10.51 -16.18
N PHE A 82 15.44 -10.06 -17.07
CA PHE A 82 15.64 -10.11 -18.52
C PHE A 82 15.32 -8.76 -19.16
N GLN A 83 16.04 -8.44 -20.22
CA GLN A 83 15.63 -7.40 -21.15
C GLN A 83 15.56 -8.05 -22.50
N GLY A 84 14.33 -8.21 -22.97
CA GLY A 84 14.06 -9.04 -24.14
C GLY A 84 14.55 -10.43 -23.87
N GLU A 85 15.37 -10.96 -24.78
CA GLU A 85 15.88 -12.29 -24.60
C GLU A 85 17.20 -12.33 -23.84
N LYS A 86 17.67 -11.18 -23.40
CA LYS A 86 18.95 -11.13 -22.68
C LYS A 86 18.73 -11.35 -21.19
N LEU A 87 19.41 -12.35 -20.65
CA LEU A 87 19.40 -12.61 -19.21
C LEU A 87 20.44 -11.72 -18.51
N LEU A 88 20.03 -10.95 -17.50
CA LEU A 88 20.92 -10.03 -16.78
C LEU A 88 21.42 -10.52 -15.42
N SER A 89 20.54 -11.16 -14.65
CA SER A 89 20.85 -11.48 -13.24
C SER A 89 19.84 -12.36 -12.60
N SER A 90 20.26 -12.92 -11.49
CA SER A 90 19.37 -13.65 -10.58
C SER A 90 19.27 -12.83 -9.31
N ILE A 91 18.05 -12.55 -8.86
CA ILE A 91 17.85 -11.72 -7.69
C ILE A 91 18.22 -12.50 -6.41
N PRO A 92 19.12 -11.96 -5.60
CA PRO A 92 19.49 -12.68 -4.38
C PRO A 92 18.33 -12.78 -3.39
N MET A 93 18.31 -13.85 -2.60
CA MET A 93 17.26 -14.02 -1.63
C MET A 93 17.20 -12.85 -0.64
N TRP A 94 15.98 -12.55 -0.17
CA TRP A 94 15.75 -11.46 0.79
C TRP A 94 16.35 -10.14 0.32
N THR A 95 15.97 -9.79 -0.89
CA THR A 95 16.35 -8.57 -1.57
C THR A 95 15.11 -7.87 -2.12
N THR A 96 15.14 -6.55 -2.06
CA THR A 96 14.07 -5.70 -2.60
C THR A 96 14.20 -5.62 -4.11
N PHE A 97 13.10 -5.64 -4.82
CA PHE A 97 13.14 -5.37 -6.25
C PHE A 97 11.88 -4.69 -6.69
N GLY A 98 11.93 -4.10 -7.88
CA GLY A 98 10.79 -3.34 -8.37
C GLY A 98 10.69 -1.94 -7.78
N GLU A 99 11.76 -1.46 -7.17
CA GLU A 99 11.73 -0.13 -6.59
C GLU A 99 11.98 0.95 -7.65
N LEU A 100 12.65 0.59 -8.74
CA LEU A 100 13.14 1.64 -9.66
C LEU A 100 11.99 2.41 -10.30
N ALA A 101 11.05 1.68 -10.86
CA ALA A 101 9.95 2.33 -11.55
C ALA A 101 9.14 3.18 -10.59
N ILE A 102 9.00 2.74 -9.35
CA ILE A 102 8.24 3.46 -8.33
C ILE A 102 8.98 4.73 -7.87
N LEU A 103 10.28 4.61 -7.60
CA LEU A 103 11.02 5.75 -7.09
C LEU A 103 11.29 6.81 -8.16
N TYR A 104 11.42 6.38 -9.40
CA TYR A 104 11.77 7.33 -10.47
C TYR A 104 10.68 7.57 -11.50
N ASN A 105 9.54 6.90 -11.38
CA ASN A 105 8.41 7.22 -12.24
C ASN A 105 8.79 7.06 -13.71
N CYS A 106 9.66 6.09 -13.95
CA CYS A 106 9.93 5.60 -15.29
C CYS A 106 9.15 4.29 -15.39
N THR A 107 9.09 3.70 -16.57
CA THR A 107 8.46 2.39 -16.67
C THR A 107 9.42 1.32 -16.15
N ARG A 108 8.90 0.12 -15.90
CA ARG A 108 9.74 -1.04 -15.53
C ARG A 108 10.90 -1.18 -16.47
N THR A 109 12.10 -1.20 -15.89
CA THR A 109 13.31 -1.18 -16.71
C THR A 109 13.65 -2.55 -17.33
N ALA A 110 13.02 -3.60 -16.83
CA ALA A 110 13.35 -4.97 -17.19
C ALA A 110 12.24 -5.87 -16.74
N SER A 111 12.21 -7.09 -17.24
CA SER A 111 11.26 -8.11 -16.78
C SER A 111 11.85 -8.99 -15.70
N VAL A 112 11.00 -9.51 -14.80
CA VAL A 112 11.44 -10.37 -13.73
C VAL A 112 10.57 -11.61 -13.80
N LYS A 113 11.20 -12.78 -13.89
CA LYS A 113 10.49 -14.02 -14.14
C LYS A 113 10.81 -15.07 -13.09
N ALA A 114 9.80 -15.82 -12.71
CA ALA A 114 9.95 -16.92 -11.77
C ALA A 114 10.50 -18.15 -12.47
N ILE A 115 11.72 -18.52 -12.08
CA ILE A 115 12.39 -19.67 -12.66
C ILE A 115 12.00 -20.94 -11.91
N THR A 116 11.62 -20.77 -10.65
CA THR A 116 11.03 -21.84 -9.85
C THR A 116 9.79 -21.23 -9.25
N ASN A 117 9.02 -21.98 -8.50
CA ASN A 117 7.96 -21.30 -7.73
C ASN A 117 8.54 -20.29 -6.74
N VAL A 118 7.91 -19.13 -6.65
CA VAL A 118 8.44 -17.99 -5.89
C VAL A 118 7.45 -17.47 -4.85
N LYS A 119 7.99 -17.05 -3.70
CA LYS A 119 7.24 -16.33 -2.70
C LYS A 119 7.80 -14.92 -2.57
N THR A 120 6.90 -13.94 -2.58
CA THR A 120 7.31 -12.55 -2.33
C THR A 120 6.46 -11.89 -1.24
N TRP A 121 6.99 -10.78 -0.71
CA TRP A 121 6.19 -9.82 0.05
C TRP A 121 6.06 -8.59 -0.84
N ALA A 122 4.84 -8.08 -0.95
CA ALA A 122 4.56 -7.01 -1.89
C ALA A 122 4.00 -5.82 -1.12
N LEU A 123 4.41 -4.64 -1.54
CA LEU A 123 3.82 -3.38 -1.05
C LEU A 123 3.20 -2.59 -2.21
N ASP A 124 1.96 -2.17 -2.05
CA ASP A 124 1.31 -1.40 -3.12
C ASP A 124 1.96 -0.05 -3.30
N ARG A 125 2.10 0.41 -4.53
CA ARG A 125 2.62 1.74 -4.80
C ARG A 125 1.91 2.83 -4.02
N GLU A 126 0.58 2.80 -3.99
CA GLU A 126 -0.08 3.90 -3.32
C GLU A 126 0.22 3.92 -1.84
N VAL A 127 0.44 2.75 -1.24
CA VAL A 127 0.73 2.70 0.18
C VAL A 127 2.15 3.21 0.43
N PHE A 128 3.08 2.77 -0.42
CA PHE A 128 4.44 3.28 -0.36
C PHE A 128 4.49 4.80 -0.45
N GLN A 129 3.73 5.37 -1.38
CA GLN A 129 3.76 6.80 -1.58
C GLN A 129 3.18 7.50 -0.34
N ASN A 130 2.16 6.89 0.28
CA ASN A 130 1.62 7.43 1.51
C ASN A 130 2.67 7.44 2.63
N ILE A 131 3.46 6.36 2.72
CA ILE A 131 4.54 6.29 3.68
C ILE A 131 5.64 7.33 3.40
N MET A 132 6.03 7.46 2.13
CA MET A 132 7.05 8.41 1.74
C MET A 132 6.68 9.85 2.07
N ARG A 133 5.39 10.18 2.07
CA ARG A 133 4.99 11.54 2.37
C ARG A 133 5.09 11.90 3.85
N ARG A 134 5.44 10.93 4.71
CA ARG A 134 5.73 11.29 6.11
C ARG A 134 7.22 11.62 6.30
N THR A 135 7.98 11.69 5.21
CA THR A 135 9.36 12.18 5.26
C THR A 135 9.38 13.64 5.72
N ALA B 13 36.99 17.64 -18.99
CA ALA B 13 38.28 17.70 -18.30
C ALA B 13 38.26 18.70 -17.14
N ARG B 14 37.92 19.94 -17.45
CA ARG B 14 37.94 21.02 -16.47
C ARG B 14 36.94 20.82 -15.31
N VAL B 15 37.47 20.91 -14.09
CA VAL B 15 36.62 20.97 -12.89
C VAL B 15 36.15 22.41 -12.57
N ARG B 16 36.88 23.41 -13.08
CA ARG B 16 36.58 24.81 -12.75
C ARG B 16 35.18 25.19 -13.19
N LYS B 17 34.45 25.82 -12.28
CA LYS B 17 33.07 26.22 -12.55
C LYS B 17 32.76 27.45 -11.70
N ASP B 18 31.88 28.33 -12.18
CA ASP B 18 31.63 29.57 -11.44
C ASP B 18 30.45 29.40 -10.50
N SER B 19 30.18 30.44 -9.71
CA SER B 19 29.16 30.33 -8.65
C SER B 19 27.79 30.00 -9.22
N SER B 20 27.43 30.62 -10.35
CA SER B 20 26.14 30.37 -11.02
C SER B 20 25.97 28.89 -11.37
N GLU B 21 27.04 28.34 -11.95
CA GLU B 21 27.08 26.96 -12.36
C GLU B 21 27.00 26.02 -11.15
N LYS B 22 27.70 26.35 -10.07
CA LYS B 22 27.63 25.53 -8.85
C LYS B 22 26.19 25.47 -8.35
N LYS B 23 25.49 26.59 -8.38
CA LYS B 23 24.11 26.61 -7.95
C LYS B 23 23.18 25.80 -8.89
N LEU B 24 23.39 25.89 -10.19
CA LEU B 24 22.59 25.14 -11.15
C LEU B 24 22.78 23.62 -10.91
N ILE B 25 24.03 23.21 -10.72
CA ILE B 25 24.31 21.79 -10.48
C ILE B 25 23.71 21.36 -9.16
N THR B 26 23.87 22.17 -8.11
CA THR B 26 23.28 21.88 -6.79
C THR B 26 21.77 21.62 -6.89
N ASP B 27 21.06 22.52 -7.58
CA ASP B 27 19.61 22.38 -7.76
C ASP B 27 19.29 21.14 -8.60
N ALA B 28 20.10 20.81 -9.60
CA ALA B 28 19.93 19.57 -10.36
C ALA B 28 20.04 18.34 -9.45
N LEU B 29 21.05 18.30 -8.58
CA LEU B 29 21.25 17.13 -7.74
C LEU B 29 20.10 17.05 -6.74
N ASN B 30 19.71 18.19 -6.20
CA ASN B 30 18.68 18.18 -5.16
C ASN B 30 17.28 17.90 -5.66
N LYS B 31 17.08 17.84 -6.97
CA LYS B 31 15.76 17.46 -7.44
C LYS B 31 15.68 15.93 -7.64
N ASN B 32 16.82 15.24 -7.62
CA ASN B 32 16.86 13.79 -7.76
C ASN B 32 16.32 13.09 -6.48
N GLN B 33 15.44 12.12 -6.65
CA GLN B 33 14.79 11.48 -5.51
C GLN B 33 15.76 10.91 -4.48
N PHE B 34 16.87 10.34 -4.94
CA PHE B 34 17.85 9.82 -3.98
C PHE B 34 18.75 10.92 -3.40
N LEU B 35 19.35 11.70 -4.28
CA LEU B 35 20.36 12.65 -3.84
C LEU B 35 19.84 13.73 -2.90
N LYS B 36 18.56 14.08 -3.01
CA LYS B 36 17.99 15.11 -2.18
C LYS B 36 18.03 14.69 -0.72
N ARG B 37 18.24 13.40 -0.48
CA ARG B 37 18.30 12.86 0.86
C ARG B 37 19.70 12.93 1.49
N LEU B 38 20.72 13.22 0.69
CA LEU B 38 22.07 13.39 1.21
C LEU B 38 22.22 14.72 1.97
N ASP B 39 23.27 14.89 2.77
CA ASP B 39 23.40 16.15 3.51
C ASP B 39 24.06 17.18 2.62
N PRO B 40 23.94 18.48 2.99
CA PRO B 40 24.42 19.56 2.13
C PRO B 40 25.90 19.43 1.80
N GLN B 41 26.71 18.99 2.75
CA GLN B 41 28.13 18.91 2.48
C GLN B 41 28.40 17.90 1.38
N GLN B 42 27.64 16.79 1.36
CA GLN B 42 27.85 15.73 0.38
C GLN B 42 27.50 16.24 -1.02
N ILE B 43 26.39 16.97 -1.11
CA ILE B 43 26.03 17.61 -2.37
C ILE B 43 27.10 18.61 -2.79
N LYS B 44 27.55 19.48 -1.88
CA LYS B 44 28.59 20.47 -2.19
C LYS B 44 29.85 19.79 -2.72
N ASP B 45 30.21 18.67 -2.10
CA ASP B 45 31.42 17.93 -2.49
C ASP B 45 31.23 17.35 -3.89
N MET B 46 30.03 16.84 -4.19
CA MET B 46 29.76 16.34 -5.51
C MET B 46 29.92 17.47 -6.53
N VAL B 47 29.36 18.62 -6.23
CA VAL B 47 29.42 19.72 -7.15
C VAL B 47 30.89 20.11 -7.39
N GLU B 48 31.68 20.18 -6.32
CA GLU B 48 33.07 20.64 -6.47
C GLU B 48 33.89 19.69 -7.33
N CYS B 49 33.58 18.38 -7.24
CA CYS B 49 34.37 17.39 -7.93
C CYS B 49 33.89 17.07 -9.33
N MET B 50 32.74 17.60 -9.74
CA MET B 50 32.24 17.31 -11.09
C MET B 50 33.10 18.00 -12.15
N TYR B 51 33.24 17.38 -13.30
CA TYR B 51 34.00 17.97 -14.39
C TYR B 51 33.16 17.95 -15.68
N GLY B 52 33.54 18.85 -16.59
CA GLY B 52 32.83 18.99 -17.84
C GLY B 52 33.07 17.82 -18.77
N ARG B 53 31.99 17.34 -19.35
CA ARG B 53 32.06 16.37 -20.44
C ARG B 53 31.03 16.73 -21.49
N ASN B 54 31.52 17.05 -22.68
CA ASN B 54 30.68 17.45 -23.81
C ASN B 54 30.62 16.34 -24.82
N TYR B 55 29.47 16.25 -25.48
CA TYR B 55 29.18 15.19 -26.44
C TYR B 55 28.65 15.73 -27.76
N GLN B 56 29.18 15.22 -28.86
CA GLN B 56 28.73 15.63 -30.20
C GLN B 56 27.44 14.95 -30.56
N GLN B 57 26.57 15.67 -31.25
CA GLN B 57 25.34 15.11 -31.83
C GLN B 57 25.55 13.72 -32.39
N GLY B 58 24.68 12.79 -32.01
CA GLY B 58 24.73 11.43 -32.50
C GLY B 58 25.44 10.48 -31.55
N SER B 59 26.22 11.00 -30.62
CA SER B 59 26.99 10.11 -29.76
C SER B 59 26.14 9.59 -28.60
N TYR B 60 26.55 8.46 -28.07
CA TYR B 60 25.92 7.89 -26.87
C TYR B 60 26.70 8.30 -25.63
N ILE B 61 26.01 8.87 -24.66
CA ILE B 61 26.63 9.17 -23.39
C ILE B 61 26.70 7.90 -22.55
N ILE B 62 25.62 7.11 -22.65
CA ILE B 62 25.44 5.84 -21.93
C ILE B 62 24.93 4.81 -22.91
N LYS B 63 25.46 3.58 -22.83
CA LYS B 63 24.97 2.46 -23.63
C LYS B 63 24.40 1.40 -22.73
N GLN B 64 23.18 0.97 -23.04
CA GLN B 64 22.51 -0.07 -22.28
C GLN B 64 23.41 -1.30 -22.13
N GLY B 65 23.47 -1.81 -20.91
CA GLY B 65 24.17 -3.04 -20.58
C GLY B 65 25.66 -2.88 -20.27
N GLU B 66 26.17 -1.66 -20.38
CA GLU B 66 27.55 -1.39 -19.97
C GLU B 66 27.62 -1.15 -18.46
N PRO B 67 28.83 -1.20 -17.89
CA PRO B 67 28.95 -0.80 -16.49
C PRO B 67 28.69 0.68 -16.34
N GLY B 68 28.19 1.10 -15.19
CA GLY B 68 27.98 2.52 -14.97
C GLY B 68 29.20 3.13 -14.32
N ASN B 69 29.86 4.06 -15.00
CA ASN B 69 31.11 4.60 -14.48
C ASN B 69 31.05 6.07 -14.06
N HIS B 70 29.92 6.71 -14.34
CA HIS B 70 29.73 8.12 -14.04
C HIS B 70 28.30 8.43 -13.67
N ILE B 71 28.14 9.47 -12.86
CA ILE B 71 26.85 10.16 -12.70
C ILE B 71 26.95 11.47 -13.47
N PHE B 72 25.86 11.88 -14.10
CA PHE B 72 25.85 13.05 -14.98
C PHE B 72 24.79 14.03 -14.58
N VAL B 73 25.02 15.30 -14.88
CA VAL B 73 23.98 16.32 -14.90
C VAL B 73 23.93 16.96 -16.29
N LEU B 74 22.74 17.03 -16.88
CA LEU B 74 22.58 17.65 -18.21
C LEU B 74 22.58 19.17 -18.07
N ALA B 75 23.50 19.83 -18.74
CA ALA B 75 23.66 21.30 -18.62
C ALA B 75 23.11 21.99 -19.86
N GLU B 76 23.25 21.36 -21.02
CA GLU B 76 22.84 22.00 -22.28
C GLU B 76 22.59 20.95 -23.34
N GLY B 77 21.54 21.13 -24.13
CA GLY B 77 21.24 20.23 -25.24
C GLY B 77 20.13 19.22 -24.97
N ARG B 78 19.86 18.39 -25.96
CA ARG B 78 18.83 17.38 -25.85
C ARG B 78 19.39 15.98 -25.80
N LEU B 79 18.96 15.25 -24.78
CA LEU B 79 19.31 13.87 -24.57
C LEU B 79 18.06 13.01 -24.55
N GLU B 80 18.08 11.90 -25.26
CA GLU B 80 16.95 10.97 -25.21
C GLU B 80 17.41 9.59 -24.81
N VAL B 81 16.46 8.89 -24.18
CA VAL B 81 16.68 7.59 -23.56
C VAL B 81 15.96 6.52 -24.37
N PHE B 82 16.70 5.47 -24.72
CA PHE B 82 16.22 4.38 -25.58
C PHE B 82 16.52 3.05 -24.94
N GLN B 83 15.65 2.08 -25.21
CA GLN B 83 15.99 0.67 -25.08
C GLN B 83 15.82 0.04 -26.46
N GLY B 84 16.94 -0.24 -27.10
CA GLY B 84 16.94 -0.62 -28.50
C GLY B 84 16.34 0.48 -29.34
N GLU B 85 15.35 0.11 -30.13
CA GLU B 85 14.65 1.06 -30.95
C GLU B 85 13.57 1.84 -30.21
N LYS B 86 13.23 1.44 -28.98
CA LYS B 86 12.13 2.11 -28.30
C LYS B 86 12.59 3.36 -27.55
N LEU B 87 11.99 4.47 -27.93
CA LEU B 87 12.23 5.75 -27.26
C LEU B 87 11.40 5.81 -26.01
N LEU B 88 12.02 6.15 -24.89
CA LEU B 88 11.34 6.20 -23.60
C LEU B 88 11.10 7.57 -23.03
N SER B 89 12.07 8.48 -23.19
CA SER B 89 12.00 9.80 -22.56
C SER B 89 13.05 10.73 -23.06
N SER B 90 12.88 12.02 -22.75
CA SER B 90 13.86 13.07 -22.95
C SER B 90 14.32 13.48 -21.58
N ILE B 91 15.61 13.71 -21.38
CA ILE B 91 16.10 14.13 -20.07
C ILE B 91 15.91 15.65 -19.95
N PRO B 92 15.16 16.14 -18.94
CA PRO B 92 14.97 17.59 -18.78
C PRO B 92 16.26 18.31 -18.45
N MET B 93 16.33 19.61 -18.71
CA MET B 93 17.54 20.36 -18.38
C MET B 93 17.78 20.32 -16.88
N TRP B 94 19.07 20.36 -16.52
CA TRP B 94 19.53 20.48 -15.16
C TRP B 94 18.88 19.35 -14.35
N THR B 95 19.04 18.14 -14.91
CA THR B 95 18.60 16.88 -14.31
C THR B 95 19.78 15.93 -14.23
N THR B 96 19.78 15.15 -13.15
CA THR B 96 20.77 14.13 -12.89
C THR B 96 20.37 12.85 -13.65
N PHE B 97 21.33 12.15 -14.24
CA PHE B 97 21.04 10.83 -14.84
C PHE B 97 22.27 9.94 -14.73
N GLY B 98 22.06 8.65 -14.84
CA GLY B 98 23.15 7.71 -14.76
C GLY B 98 23.43 7.26 -13.36
N GLU B 99 22.55 7.60 -12.42
CA GLU B 99 22.79 7.18 -11.05
C GLU B 99 22.26 5.75 -10.79
N LEU B 100 21.34 5.26 -11.60
CA LEU B 100 20.72 3.96 -11.29
C LEU B 100 21.74 2.84 -11.27
N ALA B 101 22.52 2.71 -12.34
CA ALA B 101 23.48 1.59 -12.40
C ALA B 101 24.38 1.57 -11.17
N ILE B 102 24.78 2.76 -10.73
CA ILE B 102 25.69 2.84 -9.60
C ILE B 102 25.01 2.52 -8.27
N LEU B 103 23.86 3.14 -8.01
CA LEU B 103 23.21 2.95 -6.72
C LEU B 103 22.65 1.56 -6.53
N TYR B 104 22.17 0.97 -7.61
CA TYR B 104 21.39 -0.28 -7.48
C TYR B 104 22.17 -1.46 -8.05
N ASN B 105 23.47 -1.25 -8.29
CA ASN B 105 24.39 -2.34 -8.64
C ASN B 105 23.90 -3.22 -9.79
N CYS B 106 23.79 -2.60 -10.95
CA CYS B 106 23.34 -3.26 -12.17
C CYS B 106 24.03 -2.58 -13.34
N THR B 107 23.91 -3.16 -14.52
CA THR B 107 24.43 -2.52 -15.72
C THR B 107 23.47 -1.43 -16.13
N ARG B 108 23.96 -0.54 -16.98
CA ARG B 108 23.13 0.56 -17.53
C ARG B 108 21.81 0.02 -18.05
N THR B 109 20.72 0.61 -17.56
CA THR B 109 19.38 0.05 -17.87
C THR B 109 18.84 0.42 -19.24
N ALA B 110 19.46 1.41 -19.86
CA ALA B 110 19.00 2.01 -21.11
C ALA B 110 20.13 2.81 -21.70
N SER B 111 19.98 3.17 -22.99
CA SER B 111 20.96 4.02 -23.66
C SER B 111 20.53 5.46 -23.62
N VAL B 112 21.51 6.36 -23.64
CA VAL B 112 21.23 7.81 -23.59
C VAL B 112 22.03 8.47 -24.70
N LYS B 113 21.33 9.14 -25.62
CA LYS B 113 21.88 9.58 -26.88
C LYS B 113 21.74 11.07 -27.02
N ALA B 114 22.81 11.69 -27.52
CA ALA B 114 22.80 13.12 -27.84
C ALA B 114 22.04 13.39 -29.15
N ILE B 115 20.89 14.06 -29.05
CA ILE B 115 20.12 14.43 -30.22
C ILE B 115 20.66 15.71 -30.84
N THR B 116 21.20 16.58 -30.00
CA THR B 116 21.94 17.78 -30.40
C THR B 116 23.32 17.62 -29.79
N ASN B 117 24.23 18.56 -30.04
CA ASN B 117 25.40 18.62 -29.18
C ASN B 117 24.93 18.80 -27.76
N VAL B 118 25.63 18.16 -26.82
CA VAL B 118 25.26 18.20 -25.40
C VAL B 118 26.44 18.54 -24.52
N LYS B 119 26.15 19.28 -23.47
CA LYS B 119 27.11 19.58 -22.41
C LYS B 119 26.62 18.98 -21.10
N THR B 120 27.52 18.30 -20.40
CA THR B 120 27.19 17.70 -19.10
C THR B 120 28.27 17.99 -18.10
N TRP B 121 27.89 17.83 -16.84
CA TRP B 121 28.82 17.74 -15.73
C TRP B 121 28.79 16.30 -15.26
N ALA B 122 29.97 15.76 -14.99
CA ALA B 122 30.10 14.34 -14.69
C ALA B 122 30.89 14.13 -13.41
N LEU B 123 30.56 13.03 -12.76
CA LEU B 123 31.24 12.63 -11.52
C LEU B 123 31.60 11.17 -11.65
N ASP B 124 32.86 10.86 -11.41
CA ASP B 124 33.31 9.48 -11.48
C ASP B 124 32.62 8.67 -10.40
N ARG B 125 32.24 7.43 -10.75
CA ARG B 125 31.63 6.49 -9.81
C ARG B 125 32.38 6.41 -8.47
N GLU B 126 33.69 6.25 -8.54
CA GLU B 126 34.48 6.03 -7.31
C GLU B 126 34.51 7.27 -6.42
N VAL B 127 34.45 8.45 -7.02
CA VAL B 127 34.38 9.67 -6.22
C VAL B 127 33.02 9.80 -5.53
N PHE B 128 31.98 9.50 -6.28
CA PHE B 128 30.60 9.49 -5.76
C PHE B 128 30.52 8.54 -4.59
N GLN B 129 31.07 7.34 -4.75
CA GLN B 129 31.02 6.35 -3.71
C GLN B 129 31.79 6.78 -2.45
N ASN B 130 32.93 7.45 -2.61
CA ASN B 130 33.64 7.98 -1.45
C ASN B 130 32.78 9.01 -0.70
N ILE B 131 32.10 9.86 -1.45
CA ILE B 131 31.25 10.91 -0.84
C ILE B 131 30.13 10.31 -0.03
N MET B 132 29.59 9.18 -0.49
CA MET B 132 28.55 8.54 0.30
C MET B 132 29.03 7.71 1.49
N ARG B 133 30.30 7.29 1.49
CA ARG B 133 30.85 6.55 2.62
C ARG B 133 31.29 7.44 3.77
N VAL C 15 -10.44 0.37 -10.15
CA VAL C 15 -8.99 0.41 -10.02
C VAL C 15 -8.47 1.85 -10.08
N ARG C 16 -8.94 2.64 -11.05
CA ARG C 16 -8.56 4.04 -11.14
C ARG C 16 -9.22 4.82 -9.99
N LYS C 17 -8.46 5.72 -9.34
CA LYS C 17 -9.00 6.48 -8.19
C LYS C 17 -8.77 8.01 -8.28
N ASP C 18 -9.74 8.73 -8.86
CA ASP C 18 -9.59 10.17 -9.14
C ASP C 18 -10.05 11.01 -7.96
N SER C 19 -9.95 12.34 -8.07
CA SER C 19 -10.28 13.24 -6.97
C SER C 19 -11.72 13.12 -6.50
N SER C 20 -12.64 12.98 -7.43
CA SER C 20 -14.06 12.81 -7.08
C SER C 20 -14.27 11.54 -6.23
N GLU C 21 -13.63 10.46 -6.65
CA GLU C 21 -13.73 9.20 -5.93
C GLU C 21 -13.11 9.30 -4.53
N LYS C 22 -11.96 9.97 -4.39
CA LYS C 22 -11.38 10.20 -3.07
C LYS C 22 -12.38 10.91 -2.13
N LYS C 23 -13.12 11.88 -2.65
CA LYS C 23 -14.04 12.60 -1.80
C LYS C 23 -15.21 11.72 -1.41
N LEU C 24 -15.71 10.92 -2.35
CA LEU C 24 -16.79 9.99 -2.06
C LEU C 24 -16.40 9.00 -0.96
N ILE C 25 -15.19 8.46 -1.07
CA ILE C 25 -14.68 7.48 -0.09
C ILE C 25 -14.53 8.13 1.27
N THR C 26 -13.87 9.29 1.29
CA THR C 26 -13.70 10.06 2.50
C THR C 26 -15.00 10.26 3.24
N ASP C 27 -16.04 10.66 2.50
CA ASP C 27 -17.32 10.95 3.12
C ASP C 27 -17.94 9.67 3.72
N ALA C 28 -17.81 8.56 2.99
CA ALA C 28 -18.34 7.29 3.45
C ALA C 28 -17.62 6.88 4.73
N LEU C 29 -16.32 7.10 4.80
CA LEU C 29 -15.58 6.70 5.99
C LEU C 29 -16.01 7.54 7.18
N ASN C 30 -16.17 8.84 6.95
CA ASN C 30 -16.52 9.76 8.02
C ASN C 30 -17.94 9.55 8.55
N LYS C 31 -18.78 8.83 7.80
CA LYS C 31 -20.14 8.51 8.25
C LYS C 31 -20.13 7.43 9.35
N ASN C 32 -19.09 6.60 9.33
CA ASN C 32 -19.01 5.46 10.23
C ASN C 32 -18.83 5.88 11.69
N GLN C 33 -19.59 5.28 12.60
CA GLN C 33 -19.60 5.73 13.99
C GLN C 33 -18.21 5.65 14.63
N PHE C 34 -17.42 4.65 14.26
CA PHE C 34 -16.07 4.56 14.79
C PHE C 34 -15.08 5.47 14.05
N LEU C 35 -15.09 5.39 12.75
CA LEU C 35 -14.08 6.10 11.97
C LEU C 35 -14.20 7.63 12.11
N LYS C 36 -15.40 8.13 12.41
CA LYS C 36 -15.60 9.57 12.54
C LYS C 36 -14.81 10.14 13.71
N ARG C 37 -14.30 9.27 14.58
CA ARG C 37 -13.51 9.74 15.71
C ARG C 37 -12.01 9.76 15.46
N LEU C 38 -11.60 9.27 14.30
CA LEU C 38 -10.19 9.31 13.90
C LEU C 38 -9.78 10.71 13.41
N ASP C 39 -8.48 10.99 13.44
CA ASP C 39 -7.93 12.23 12.91
C ASP C 39 -8.13 12.28 11.38
N PRO C 40 -8.35 13.48 10.82
CA PRO C 40 -8.53 13.60 9.37
C PRO C 40 -7.38 13.01 8.56
N GLN C 41 -6.16 13.08 9.06
CA GLN C 41 -5.03 12.51 8.33
C GLN C 41 -5.14 11.00 8.29
N GLN C 42 -5.69 10.41 9.36
CA GLN C 42 -5.85 8.97 9.37
C GLN C 42 -6.88 8.55 8.32
N ILE C 43 -7.97 9.29 8.22
CA ILE C 43 -8.96 9.03 7.18
C ILE C 43 -8.33 9.17 5.81
N LYS C 44 -7.53 10.21 5.64
CA LYS C 44 -6.88 10.44 4.35
C LYS C 44 -5.92 9.30 4.00
N ASP C 45 -5.17 8.83 4.99
CA ASP C 45 -4.32 7.67 4.82
C ASP C 45 -5.14 6.46 4.36
N MET C 46 -6.28 6.21 5.01
CA MET C 46 -7.14 5.10 4.59
C MET C 46 -7.50 5.26 3.12
N VAL C 47 -7.96 6.44 2.72
CA VAL C 47 -8.37 6.67 1.35
C VAL C 47 -7.24 6.42 0.38
N GLU C 48 -6.06 6.91 0.71
CA GLU C 48 -4.93 6.78 -0.22
C GLU C 48 -4.51 5.33 -0.39
N CYS C 49 -4.72 4.52 0.64
CA CYS C 49 -4.21 3.15 0.66
C CYS C 49 -5.24 2.13 0.18
N MET C 50 -6.47 2.58 -0.02
CA MET C 50 -7.51 1.71 -0.58
C MET C 50 -7.30 1.41 -2.06
N TYR C 51 -7.81 0.25 -2.47
CA TYR C 51 -7.73 -0.19 -3.86
C TYR C 51 -9.08 -0.77 -4.29
N GLY C 52 -9.34 -0.73 -5.59
CA GLY C 52 -10.64 -1.20 -6.08
C GLY C 52 -10.78 -2.70 -6.19
N ARG C 53 -11.98 -3.19 -5.88
CA ARG C 53 -12.29 -4.59 -6.08
C ARG C 53 -13.72 -4.66 -6.61
N ASN C 54 -13.87 -5.18 -7.82
CA ASN C 54 -15.18 -5.46 -8.38
C ASN C 54 -15.62 -6.92 -8.13
N TYR C 55 -16.90 -7.10 -7.84
CA TYR C 55 -17.47 -8.42 -7.59
C TYR C 55 -18.65 -8.65 -8.51
N GLN C 56 -18.75 -9.87 -9.01
CA GLN C 56 -19.87 -10.26 -9.84
C GLN C 56 -21.07 -10.59 -8.99
N GLN C 57 -22.24 -10.32 -9.55
CA GLN C 57 -23.50 -10.79 -8.97
C GLN C 57 -23.34 -12.24 -8.52
N GLY C 58 -23.76 -12.50 -7.30
CA GLY C 58 -23.79 -13.84 -6.75
C GLY C 58 -22.59 -14.15 -5.89
N SER C 59 -21.53 -13.35 -5.99
CA SER C 59 -20.35 -13.63 -5.23
C SER C 59 -20.47 -13.09 -3.80
N TYR C 60 -19.73 -13.71 -2.88
CA TYR C 60 -19.68 -13.23 -1.51
C TYR C 60 -18.48 -12.34 -1.33
N ILE C 61 -18.70 -11.16 -0.78
CA ILE C 61 -17.59 -10.26 -0.42
C ILE C 61 -17.02 -10.70 0.96
N ILE C 62 -17.91 -11.02 1.88
CA ILE C 62 -17.56 -11.45 3.24
C ILE C 62 -18.36 -12.70 3.56
N LYS C 63 -17.72 -13.67 4.22
CA LYS C 63 -18.40 -14.86 4.72
C LYS C 63 -18.37 -14.93 6.25
N GLN C 64 -19.55 -15.10 6.82
CA GLN C 64 -19.69 -15.23 8.25
C GLN C 64 -18.75 -16.27 8.81
N GLY C 65 -18.13 -15.96 9.94
CA GLY C 65 -17.26 -16.90 10.61
C GLY C 65 -15.79 -16.88 10.21
N GLU C 66 -15.47 -16.21 9.11
CA GLU C 66 -14.08 -16.13 8.64
C GLU C 66 -13.34 -15.01 9.35
N PRO C 67 -12.00 -15.03 9.33
CA PRO C 67 -11.23 -13.87 9.75
C PRO C 67 -11.53 -12.63 8.89
N GLY C 68 -11.56 -11.47 9.50
CA GLY C 68 -11.72 -10.26 8.72
C GLY C 68 -10.37 -9.80 8.25
N ASN C 69 -10.21 -9.56 6.95
CA ASN C 69 -8.91 -9.11 6.46
C ASN C 69 -8.95 -7.80 5.69
N HIS C 70 -10.15 -7.23 5.58
CA HIS C 70 -10.32 -5.95 4.90
C HIS C 70 -11.41 -5.12 5.50
N ILE C 71 -11.24 -3.81 5.41
CA ILE C 71 -12.35 -2.88 5.55
C ILE C 71 -12.75 -2.44 4.16
N PHE C 72 -14.05 -2.29 3.92
CA PHE C 72 -14.58 -2.00 2.59
C PHE C 72 -15.43 -0.72 2.60
N VAL C 73 -15.49 -0.05 1.46
CA VAL C 73 -16.55 0.89 1.15
C VAL C 73 -17.30 0.44 -0.10
N LEU C 74 -18.63 0.41 -0.04
CA LEU C 74 -19.44 0.06 -1.20
C LEU C 74 -19.55 1.30 -2.06
N ALA C 75 -19.23 1.19 -3.34
CA ALA C 75 -19.37 2.29 -4.29
C ALA C 75 -20.64 2.21 -5.15
N GLU C 76 -20.90 1.04 -5.71
CA GLU C 76 -22.00 0.86 -6.66
C GLU C 76 -22.52 -0.53 -6.50
N GLY C 77 -23.84 -0.70 -6.65
CA GLY C 77 -24.42 -2.02 -6.70
C GLY C 77 -25.11 -2.38 -5.42
N ARG C 78 -25.76 -3.54 -5.40
CA ARG C 78 -26.56 -3.94 -4.23
C ARG C 78 -25.86 -5.04 -3.47
N LEU C 79 -25.63 -4.77 -2.18
CA LEU C 79 -25.10 -5.75 -1.27
C LEU C 79 -26.12 -6.08 -0.19
N GLU C 80 -26.26 -7.35 0.14
CA GLU C 80 -27.16 -7.73 1.23
C GLU C 80 -26.37 -8.53 2.26
N VAL C 81 -26.83 -8.46 3.51
CA VAL C 81 -26.17 -9.03 4.66
C VAL C 81 -27.03 -10.19 5.19
N PHE C 82 -26.39 -11.34 5.42
CA PHE C 82 -27.10 -12.56 5.78
C PHE C 82 -26.46 -13.19 7.03
N GLN C 83 -27.27 -13.76 7.90
CA GLN C 83 -26.75 -14.72 8.88
C GLN C 83 -27.43 -16.01 8.58
N GLY C 84 -26.69 -16.94 8.01
CA GLY C 84 -27.26 -18.18 7.55
C GLY C 84 -28.22 -17.83 6.42
N GLU C 85 -29.48 -18.21 6.56
CA GLU C 85 -30.48 -17.88 5.56
C GLU C 85 -31.32 -16.66 5.97
N LYS C 86 -31.05 -16.05 7.11
CA LYS C 86 -31.82 -14.89 7.54
C LYS C 86 -31.22 -13.64 6.89
N LEU C 87 -32.05 -12.91 6.14
CA LEU C 87 -31.61 -11.68 5.49
C LEU C 87 -31.74 -10.59 6.55
N LEU C 88 -30.70 -9.80 6.76
CA LEU C 88 -30.69 -8.81 7.83
C LEU C 88 -30.86 -7.41 7.30
N SER C 89 -30.15 -7.10 6.23
CA SER C 89 -30.12 -5.74 5.74
C SER C 89 -29.48 -5.64 4.39
N SER C 90 -29.62 -4.44 3.82
CA SER C 90 -28.95 -4.03 2.61
C SER C 90 -27.84 -3.09 3.07
N ILE C 91 -26.72 -3.04 2.38
CA ILE C 91 -25.72 -2.01 2.69
C ILE C 91 -25.87 -0.85 1.70
N PRO C 92 -26.18 0.36 2.19
CA PRO C 92 -26.36 1.47 1.25
C PRO C 92 -25.09 1.80 0.47
N MET C 93 -25.24 2.27 -0.75
CA MET C 93 -24.07 2.68 -1.50
C MET C 93 -23.38 3.83 -0.75
N TRP C 94 -22.08 3.91 -0.92
CA TRP C 94 -21.19 4.86 -0.25
C TRP C 94 -21.30 4.75 1.28
N THR C 95 -21.16 3.50 1.73
CA THR C 95 -21.13 3.12 3.14
C THR C 95 -19.98 2.18 3.42
N THR C 96 -19.38 2.34 4.59
CA THR C 96 -18.35 1.46 5.09
C THR C 96 -18.93 0.16 5.64
N PHE C 97 -18.25 -0.95 5.39
CA PHE C 97 -18.65 -2.18 6.04
C PHE C 97 -17.44 -3.07 6.23
N GLY C 98 -17.60 -4.09 7.06
CA GLY C 98 -16.52 -5.00 7.34
C GLY C 98 -15.56 -4.48 8.40
N GLU C 99 -15.96 -3.43 9.12
CA GLU C 99 -15.09 -2.92 10.18
C GLU C 99 -15.24 -3.71 11.51
N LEU C 100 -16.33 -4.41 11.72
CA LEU C 100 -16.57 -5.02 13.03
C LEU C 100 -15.54 -6.09 13.41
N ALA C 101 -15.30 -7.04 12.51
CA ALA C 101 -14.38 -8.14 12.82
C ALA C 101 -13.01 -7.60 13.14
N ILE C 102 -12.63 -6.54 12.42
CA ILE C 102 -11.31 -5.95 12.58
C ILE C 102 -11.18 -5.17 13.88
N LEU C 103 -12.17 -4.36 14.20
CA LEU C 103 -12.09 -3.51 15.39
C LEU C 103 -12.23 -4.27 16.70
N TYR C 104 -13.01 -5.34 16.69
CA TYR C 104 -13.26 -6.10 17.92
C TYR C 104 -12.63 -7.50 17.85
N ASN C 105 -11.79 -7.71 16.83
CA ASN C 105 -10.96 -8.91 16.73
C ASN C 105 -11.76 -10.19 16.95
N CYS C 106 -12.93 -10.25 16.33
CA CYS C 106 -13.76 -11.44 16.29
C CYS C 106 -13.88 -11.87 14.85
N THR C 107 -14.50 -13.00 14.59
CA THR C 107 -14.73 -13.42 13.23
C THR C 107 -15.87 -12.57 12.59
N ARG C 108 -15.94 -12.59 11.27
CA ARG C 108 -17.01 -11.93 10.51
C ARG C 108 -18.37 -12.32 11.08
N THR C 109 -19.17 -11.30 11.39
CA THR C 109 -20.40 -11.53 12.15
C THR C 109 -21.56 -11.96 11.28
N ALA C 110 -21.41 -11.79 9.98
CA ALA C 110 -22.47 -12.06 8.99
C ALA C 110 -21.80 -12.16 7.63
N SER C 111 -22.52 -12.69 6.63
CA SER C 111 -22.02 -12.76 5.26
C SER C 111 -22.57 -11.55 4.50
N VAL C 112 -21.83 -11.14 3.46
CA VAL C 112 -22.18 -10.02 2.60
C VAL C 112 -22.07 -10.49 1.14
N LYS C 113 -23.20 -10.43 0.46
CA LYS C 113 -23.35 -10.98 -0.89
C LYS C 113 -23.76 -9.93 -1.91
N ALA C 114 -23.15 -10.02 -3.09
CA ALA C 114 -23.48 -9.17 -4.23
C ALA C 114 -24.78 -9.67 -4.87
N ILE C 115 -25.81 -8.86 -4.77
CA ILE C 115 -27.08 -9.14 -5.41
C ILE C 115 -27.08 -8.67 -6.86
N THR C 116 -26.26 -7.66 -7.17
CA THR C 116 -25.97 -7.22 -8.53
C THR C 116 -24.45 -7.21 -8.64
N ASN C 117 -23.91 -6.90 -9.82
CA ASN C 117 -22.49 -6.62 -9.85
C ASN C 117 -22.25 -5.45 -8.90
N VAL C 118 -21.09 -5.45 -8.26
CA VAL C 118 -20.72 -4.44 -7.25
C VAL C 118 -19.31 -3.93 -7.44
N LYS C 119 -19.11 -2.66 -7.12
CA LYS C 119 -17.79 -2.05 -7.05
C LYS C 119 -17.52 -1.62 -5.63
N THR C 120 -16.37 -2.02 -5.10
CA THR C 120 -15.97 -1.66 -3.74
C THR C 120 -14.58 -1.04 -3.74
N TRP C 121 -14.29 -0.38 -2.63
CA TRP C 121 -12.95 0.07 -2.31
C TRP C 121 -12.58 -0.72 -1.08
N ALA C 122 -11.38 -1.27 -1.08
CA ALA C 122 -10.93 -2.14 -0.01
C ALA C 122 -9.64 -1.62 0.66
N LEU C 123 -9.55 -1.79 1.98
CA LEU C 123 -8.35 -1.47 2.75
C LEU C 123 -7.89 -2.72 3.47
N ASP C 124 -6.64 -3.10 3.25
CA ASP C 124 -6.10 -4.25 3.97
C ASP C 124 -6.07 -4.04 5.50
N ARG C 125 -6.47 -5.06 6.25
CA ARG C 125 -6.43 -5.04 7.69
C ARG C 125 -5.08 -4.55 8.25
N GLU C 126 -3.97 -5.09 7.77
CA GLU C 126 -2.67 -4.70 8.32
C GLU C 126 -2.37 -3.22 8.07
N VAL C 127 -2.81 -2.70 6.92
CA VAL C 127 -2.63 -1.29 6.60
C VAL C 127 -3.48 -0.46 7.53
N PHE C 128 -4.74 -0.86 7.71
CA PHE C 128 -5.59 -0.17 8.64
C PHE C 128 -4.99 -0.16 10.05
N GLN C 129 -4.45 -1.28 10.51
CA GLN C 129 -3.88 -1.32 11.87
C GLN C 129 -2.66 -0.43 12.01
N ASN C 130 -1.88 -0.32 10.95
CA ASN C 130 -0.75 0.60 10.89
C ASN C 130 -1.21 2.05 11.02
N ILE C 131 -2.29 2.38 10.32
CA ILE C 131 -2.84 3.73 10.40
C ILE C 131 -3.36 4.01 11.80
N MET C 132 -4.03 3.02 12.39
CA MET C 132 -4.58 3.15 13.73
C MET C 132 -3.52 3.40 14.78
N ARG C 133 -2.31 2.89 14.57
CA ARG C 133 -1.28 3.05 15.58
C ARG C 133 -0.67 4.45 15.61
N ARG C 134 -0.97 5.28 14.63
CA ARG C 134 -0.57 6.67 14.72
C ARG C 134 -1.57 7.43 15.63
N THR C 135 -2.32 6.65 16.42
CA THR C 135 -3.17 7.06 17.56
C THR C 135 -4.59 7.27 17.07
N VAL D 15 1.34 29.74 -21.74
CA VAL D 15 1.22 29.51 -20.30
C VAL D 15 1.40 28.05 -19.91
N ARG D 16 0.90 27.14 -20.76
CA ARG D 16 1.07 25.71 -20.54
C ARG D 16 2.55 25.41 -20.38
N LYS D 17 2.88 24.62 -19.38
CA LYS D 17 4.27 24.27 -19.10
C LYS D 17 4.22 22.91 -18.43
N ASP D 18 5.21 22.06 -18.68
CA ASP D 18 5.14 20.72 -18.12
C ASP D 18 5.80 20.68 -16.75
N SER D 19 5.75 19.51 -16.10
CA SER D 19 6.13 19.47 -14.70
C SER D 19 7.62 19.76 -14.55
N SER D 20 8.45 19.42 -15.53
CA SER D 20 9.86 19.69 -15.37
C SER D 20 10.15 21.18 -15.52
N GLU D 21 9.40 21.83 -16.38
CA GLU D 21 9.50 23.28 -16.52
C GLU D 21 9.04 24.00 -15.26
N LYS D 22 7.94 23.56 -14.68
CA LYS D 22 7.47 24.18 -13.44
C LYS D 22 8.53 24.09 -12.33
N LYS D 23 9.23 22.96 -12.28
CA LYS D 23 10.32 22.82 -11.31
C LYS D 23 11.52 23.71 -11.60
N LEU D 24 11.91 23.82 -12.86
CA LEU D 24 13.00 24.74 -13.23
C LEU D 24 12.66 26.18 -12.84
N ILE D 25 11.42 26.58 -13.10
CA ILE D 25 11.01 27.94 -12.80
C ILE D 25 10.98 28.14 -11.29
N THR D 26 10.43 27.16 -10.58
CA THR D 26 10.39 27.20 -9.11
C THR D 26 11.79 27.41 -8.56
N ASP D 27 12.75 26.61 -9.03
CA ASP D 27 14.10 26.72 -8.53
C ASP D 27 14.69 28.12 -8.87
N ALA D 28 14.33 28.66 -10.04
CA ALA D 28 14.79 30.01 -10.38
C ALA D 28 14.25 31.07 -9.45
N LEU D 29 12.98 30.97 -9.11
CA LEU D 29 12.39 31.98 -8.24
C LEU D 29 12.99 31.86 -6.84
N ASN D 30 13.19 30.64 -6.37
CA ASN D 30 13.70 30.43 -5.01
C ASN D 30 15.19 30.75 -4.83
N LYS D 31 15.84 31.06 -5.94
CA LYS D 31 17.24 31.55 -5.95
C LYS D 31 17.29 33.03 -5.53
N ASN D 32 16.18 33.72 -5.78
CA ASN D 32 16.13 35.18 -5.67
C ASN D 32 15.95 35.62 -4.22
N GLN D 33 16.72 36.62 -3.83
CA GLN D 33 16.81 37.03 -2.44
C GLN D 33 15.47 37.46 -1.84
N PHE D 34 14.62 38.09 -2.64
CA PHE D 34 13.31 38.52 -2.14
C PHE D 34 12.31 37.37 -2.21
N LEU D 35 12.32 36.68 -3.34
CA LEU D 35 11.28 35.69 -3.59
C LEU D 35 11.42 34.48 -2.70
N LYS D 36 12.65 34.18 -2.30
CA LYS D 36 12.89 33.03 -1.43
C LYS D 36 12.16 33.16 -0.09
N ARG D 37 11.76 34.38 0.27
CA ARG D 37 11.04 34.63 1.51
C ARG D 37 9.51 34.56 1.38
N LEU D 38 9.02 34.41 0.17
CA LEU D 38 7.59 34.18 -0.05
C LEU D 38 7.24 32.74 0.34
N ASP D 39 5.96 32.43 0.53
CA ASP D 39 5.61 31.06 0.90
C ASP D 39 5.43 30.20 -0.35
N PRO D 40 5.49 28.88 -0.18
CA PRO D 40 5.43 27.98 -1.34
C PRO D 40 4.20 28.15 -2.23
N GLN D 41 3.02 28.43 -1.67
CA GLN D 41 1.84 28.63 -2.49
C GLN D 41 1.98 29.87 -3.37
N GLN D 42 2.66 30.89 -2.85
CA GLN D 42 2.84 32.12 -3.64
C GLN D 42 3.79 31.84 -4.80
N ILE D 43 4.84 31.08 -4.54
CA ILE D 43 5.78 30.71 -5.57
C ILE D 43 5.09 29.85 -6.60
N LYS D 44 4.31 28.87 -6.15
CA LYS D 44 3.55 28.01 -7.04
C LYS D 44 2.61 28.81 -7.94
N ASP D 45 1.94 29.79 -7.36
CA ASP D 45 1.01 30.64 -8.09
C ASP D 45 1.74 31.45 -9.15
N MET D 46 2.93 31.97 -8.81
CA MET D 46 3.73 32.67 -9.80
C MET D 46 4.04 31.75 -10.96
N VAL D 47 4.52 30.55 -10.65
CA VAL D 47 4.88 29.61 -11.70
C VAL D 47 3.68 29.32 -12.58
N GLU D 48 2.51 29.13 -11.98
CA GLU D 48 1.34 28.74 -12.77
C GLU D 48 0.94 29.87 -13.71
N CYS D 49 1.10 31.10 -13.26
CA CYS D 49 0.60 32.26 -13.99
C CYS D 49 1.59 32.80 -15.02
N MET D 50 2.83 32.35 -14.96
CA MET D 50 3.79 32.79 -15.93
C MET D 50 3.54 32.29 -17.34
N TYR D 51 3.89 33.12 -18.32
CA TYR D 51 3.64 32.77 -19.71
C TYR D 51 4.93 32.98 -20.49
N GLY D 52 5.06 32.26 -21.59
CA GLY D 52 6.26 32.31 -22.39
C GLY D 52 6.41 33.61 -23.17
N ARG D 53 7.60 34.18 -23.09
CA ARG D 53 7.97 35.31 -23.92
C ARG D 53 9.33 35.05 -24.48
N ASN D 54 9.40 34.90 -25.79
CA ASN D 54 10.64 34.59 -26.47
C ASN D 54 11.11 35.83 -27.19
N TYR D 55 12.43 35.98 -27.25
CA TYR D 55 13.06 37.16 -27.85
C TYR D 55 14.09 36.79 -28.90
N GLN D 56 14.00 37.42 -30.07
CA GLN D 56 14.96 37.23 -31.15
C GLN D 56 16.28 37.90 -30.77
N GLN D 57 17.36 37.25 -31.17
CA GLN D 57 18.71 37.76 -31.01
C GLN D 57 18.79 39.24 -31.35
N GLY D 58 19.42 40.03 -30.47
CA GLY D 58 19.53 41.47 -30.67
C GLY D 58 18.44 42.34 -30.02
N SER D 59 17.30 41.77 -29.66
CA SER D 59 16.25 42.61 -29.11
C SER D 59 16.48 42.86 -27.62
N TYR D 60 15.82 43.89 -27.13
CA TYR D 60 15.87 44.27 -25.71
C TYR D 60 14.66 43.72 -24.96
N ILE D 61 14.92 43.02 -23.88
CA ILE D 61 13.84 42.57 -23.02
C ILE D 61 13.40 43.73 -22.13
N ILE D 62 14.39 44.44 -21.60
CA ILE D 62 14.17 45.54 -20.66
C ILE D 62 15.02 46.72 -21.11
N LYS D 63 14.44 47.92 -21.09
CA LYS D 63 15.19 49.11 -21.40
C LYS D 63 15.31 50.03 -20.19
N GLN D 64 16.52 50.46 -19.89
CA GLN D 64 16.78 51.32 -18.75
C GLN D 64 15.86 52.55 -18.76
N GLY D 65 15.27 52.86 -17.62
CA GLY D 65 14.50 54.10 -17.51
C GLY D 65 13.02 53.92 -17.82
N GLU D 66 12.65 52.77 -18.38
CA GLU D 66 11.24 52.47 -18.64
C GLU D 66 10.53 52.01 -17.35
N PRO D 67 9.19 52.01 -17.37
CA PRO D 67 8.43 51.42 -16.28
C PRO D 67 8.66 49.91 -16.24
N GLY D 68 8.69 49.33 -15.06
CA GLY D 68 8.81 47.87 -14.99
C GLY D 68 7.43 47.23 -15.08
N ASN D 69 7.17 46.47 -16.14
CA ASN D 69 5.85 45.86 -16.33
C ASN D 69 5.79 44.35 -16.15
N HIS D 70 6.94 43.73 -15.99
CA HIS D 70 7.05 42.27 -15.83
C HIS D 70 8.21 41.87 -14.94
N ILE D 71 8.07 40.68 -14.35
CA ILE D 71 9.17 39.97 -13.78
C ILE D 71 9.45 38.82 -14.73
N PHE D 72 10.71 38.45 -14.87
CA PHE D 72 11.09 37.44 -15.85
C PHE D 72 11.95 36.34 -15.22
N VAL D 73 11.93 35.17 -15.84
CA VAL D 73 12.90 34.10 -15.59
C VAL D 73 13.56 33.71 -16.90
N LEU D 74 14.88 33.70 -16.92
CA LEU D 74 15.62 33.28 -18.11
C LEU D 74 15.59 31.77 -18.22
N ALA D 75 15.10 31.22 -19.35
CA ALA D 75 15.00 29.77 -19.57
C ALA D 75 16.04 29.25 -20.54
N GLU D 76 16.43 30.07 -21.51
CA GLU D 76 17.36 29.61 -22.53
C GLU D 76 17.99 30.82 -23.17
N GLY D 77 19.30 30.77 -23.42
CA GLY D 77 19.97 31.85 -24.15
C GLY D 77 20.86 32.76 -23.33
N ARG D 78 21.48 33.72 -24.01
CA ARG D 78 22.46 34.63 -23.40
C ARG D 78 21.86 36.01 -23.26
N LEU D 79 21.69 36.43 -22.00
CA LEU D 79 21.21 37.78 -21.70
C LEU D 79 22.26 38.59 -21.01
N GLU D 80 22.47 39.84 -21.45
CA GLU D 80 23.45 40.70 -20.80
C GLU D 80 22.83 42.01 -20.34
N VAL D 81 23.38 42.54 -19.26
CA VAL D 81 22.90 43.75 -18.62
C VAL D 81 23.81 44.92 -18.93
N PHE D 82 23.22 46.03 -19.36
CA PHE D 82 23.95 47.23 -19.73
C PHE D 82 23.42 48.47 -19.02
N GLN D 83 24.33 49.38 -18.69
CA GLN D 83 23.97 50.76 -18.37
C GLN D 83 24.60 51.62 -19.45
N GLY D 84 23.83 52.03 -20.45
CA GLY D 84 24.38 52.71 -21.60
C GLY D 84 25.14 51.78 -22.51
N GLU D 85 26.35 52.18 -22.90
CA GLU D 85 27.23 51.31 -23.69
C GLU D 85 27.99 50.34 -22.79
N LYS D 86 27.86 50.51 -21.47
CA LYS D 86 28.65 49.76 -20.49
C LYS D 86 28.04 48.40 -20.16
N LEU D 87 28.78 47.34 -20.44
CA LEU D 87 28.40 45.99 -20.07
C LEU D 87 28.66 45.79 -18.57
N LEU D 88 27.65 45.36 -17.84
CA LEU D 88 27.71 45.17 -16.38
C LEU D 88 27.87 43.72 -15.96
N SER D 89 27.02 42.86 -16.52
CA SER D 89 26.95 41.47 -16.09
C SER D 89 26.14 40.67 -17.08
N SER D 90 26.16 39.36 -16.87
CA SER D 90 25.34 38.45 -17.62
C SER D 90 24.25 37.96 -16.66
N ILE D 91 23.10 37.54 -17.19
CA ILE D 91 22.11 36.90 -16.36
C ILE D 91 22.25 35.38 -16.49
N PRO D 92 22.60 34.70 -15.37
CA PRO D 92 22.73 33.25 -15.44
C PRO D 92 21.42 32.52 -15.80
N MET D 93 21.57 31.31 -16.32
CA MET D 93 20.41 30.51 -16.65
C MET D 93 19.55 30.30 -15.42
N TRP D 94 18.25 30.24 -15.65
CA TRP D 94 17.26 29.91 -14.63
C TRP D 94 17.44 30.84 -13.46
N THR D 95 17.41 32.13 -13.80
CA THR D 95 17.54 33.25 -12.87
C THR D 95 16.42 34.23 -13.11
N THR D 96 15.93 34.77 -12.01
CA THR D 96 14.92 35.82 -12.04
C THR D 96 15.52 37.18 -12.28
N PHE D 97 14.86 38.00 -13.08
CA PHE D 97 15.32 39.38 -13.29
C PHE D 97 14.13 40.26 -13.59
N GLY D 98 14.32 41.55 -13.39
CA GLY D 98 13.23 42.49 -13.59
C GLY D 98 12.45 42.77 -12.34
N GLU D 99 12.86 42.24 -11.19
CA GLU D 99 12.04 42.46 -10.00
C GLU D 99 12.31 43.83 -9.34
N LEU D 100 13.48 44.41 -9.61
CA LEU D 100 13.92 45.60 -8.87
C LEU D 100 12.95 46.74 -9.05
N ALA D 101 12.67 47.08 -10.31
CA ALA D 101 11.84 48.24 -10.59
C ALA D 101 10.49 48.08 -9.93
N ILE D 102 9.97 46.87 -9.95
CA ILE D 102 8.67 46.59 -9.40
C ILE D 102 8.66 46.65 -7.87
N LEU D 103 9.64 46.01 -7.24
CA LEU D 103 9.66 45.97 -5.79
C LEU D 103 9.99 47.30 -5.13
N TYR D 104 10.86 48.06 -5.77
CA TYR D 104 11.35 49.26 -5.11
C TYR D 104 10.84 50.50 -5.83
N ASN D 105 9.81 50.28 -6.64
CA ASN D 105 9.08 51.32 -7.37
C ASN D 105 9.97 52.46 -7.89
N CYS D 106 10.84 52.07 -8.80
CA CYS D 106 11.64 53.00 -9.57
C CYS D 106 11.53 52.52 -11.00
N THR D 107 12.13 53.27 -11.93
CA THR D 107 12.20 52.81 -13.31
C THR D 107 13.26 51.76 -13.44
N ARG D 108 13.26 51.06 -14.58
CA ARG D 108 14.27 50.03 -14.84
C ARG D 108 15.67 50.55 -14.59
N THR D 109 16.43 49.82 -13.78
CA THR D 109 17.71 50.39 -13.35
C THR D 109 18.80 50.19 -14.40
N ALA D 110 18.51 49.39 -15.43
CA ALA D 110 19.51 48.98 -16.41
C ALA D 110 18.80 48.31 -17.59
N SER D 111 19.49 48.18 -18.72
CA SER D 111 18.93 47.49 -19.89
C SER D 111 19.34 46.03 -19.89
N VAL D 112 18.50 45.18 -20.49
CA VAL D 112 18.77 43.74 -20.59
C VAL D 112 18.54 43.27 -22.04
N LYS D 113 19.61 42.77 -22.64
CA LYS D 113 19.66 42.47 -24.08
C LYS D 113 19.88 41.00 -24.43
N ALA D 114 19.18 40.53 -25.45
CA ALA D 114 19.32 39.18 -25.97
C ALA D 114 20.55 39.10 -26.88
N ILE D 115 21.60 38.47 -26.39
CA ILE D 115 22.81 38.27 -27.18
C ILE D 115 22.65 37.14 -28.19
N THR D 116 21.87 36.14 -27.80
CA THR D 116 21.38 35.09 -28.69
C THR D 116 19.86 35.14 -28.66
N ASN D 117 19.18 34.29 -29.44
CA ASN D 117 17.77 34.09 -29.19
C ASN D 117 17.60 33.67 -27.74
N VAL D 118 16.58 34.21 -27.08
CA VAL D 118 16.34 33.99 -25.67
C VAL D 118 14.92 33.50 -25.45
N LYS D 119 14.76 32.57 -24.51
CA LYS D 119 13.43 32.17 -24.06
C LYS D 119 13.28 32.58 -22.61
N THR D 120 12.14 33.19 -22.29
CA THR D 120 11.85 33.56 -20.92
C THR D 120 10.45 33.12 -20.51
N TRP D 121 10.26 33.08 -19.21
CA TRP D 121 8.94 33.03 -18.60
C TRP D 121 8.69 34.39 -17.99
N ALA D 122 7.50 34.94 -18.21
CA ALA D 122 7.19 36.29 -17.74
C ALA D 122 5.93 36.31 -16.89
N LEU D 123 5.92 37.23 -15.95
CA LEU D 123 4.74 37.50 -15.11
C LEU D 123 4.45 38.99 -15.14
N ASP D 124 3.20 39.32 -15.44
CA ASP D 124 2.77 40.72 -15.43
C ASP D 124 2.91 41.31 -14.04
N ARG D 125 3.31 42.57 -13.95
CA ARG D 125 3.45 43.27 -12.67
C ARG D 125 2.22 43.12 -11.79
N GLU D 126 1.05 43.37 -12.38
CA GLU D 126 -0.19 43.38 -11.61
C GLU D 126 -0.49 42.01 -10.99
N VAL D 127 -0.19 40.96 -11.73
CA VAL D 127 -0.40 39.59 -11.22
C VAL D 127 0.56 39.29 -10.07
N PHE D 128 1.83 39.66 -10.27
CA PHE D 128 2.86 39.52 -9.23
C PHE D 128 2.46 40.26 -7.96
N GLN D 129 2.04 41.51 -8.11
CA GLN D 129 1.62 42.28 -6.95
C GLN D 129 0.40 41.66 -6.26
N ASN D 130 -0.53 41.11 -7.01
CA ASN D 130 -1.69 40.44 -6.44
C ASN D 130 -1.26 39.21 -5.59
N ILE D 131 -0.30 38.44 -6.11
CA ILE D 131 0.19 37.26 -5.38
C ILE D 131 0.90 37.67 -4.09
N MET D 132 1.65 38.76 -4.13
CA MET D 132 2.28 39.24 -2.90
C MET D 132 1.28 39.81 -1.88
N ARG D 133 0.21 40.45 -2.34
CA ARG D 133 -0.83 40.94 -1.42
C ARG D 133 -1.68 39.79 -0.90
N ARG E 16 -24.37 -0.17 44.67
CA ARG E 16 -23.34 -0.70 45.56
C ARG E 16 -21.96 -0.49 44.97
N LYS E 17 -21.68 0.75 44.58
CA LYS E 17 -20.58 1.06 43.68
C LYS E 17 -19.51 1.96 44.31
N ASP E 18 -18.64 1.35 45.11
CA ASP E 18 -17.61 2.11 45.80
C ASP E 18 -16.50 2.56 44.85
N SER E 19 -15.49 3.25 45.40
CA SER E 19 -14.36 3.72 44.60
C SER E 19 -13.70 2.56 43.87
N SER E 20 -13.65 1.41 44.53
CA SER E 20 -13.03 0.24 43.96
C SER E 20 -13.69 -0.13 42.65
N GLU E 21 -15.01 -0.27 42.68
CA GLU E 21 -15.73 -0.74 41.51
C GLU E 21 -15.70 0.32 40.40
N LYS E 22 -15.75 1.60 40.77
CA LYS E 22 -15.74 2.63 39.74
C LYS E 22 -14.44 2.58 38.93
N LYS E 23 -13.32 2.35 39.62
CA LYS E 23 -12.04 2.21 38.92
C LYS E 23 -12.02 1.00 38.01
N LEU E 24 -12.50 -0.13 38.52
CA LEU E 24 -12.60 -1.34 37.69
C LEU E 24 -13.48 -1.13 36.46
N ILE E 25 -14.67 -0.56 36.67
CA ILE E 25 -15.57 -0.26 35.55
C ILE E 25 -14.90 0.71 34.57
N THR E 26 -14.23 1.72 35.12
CA THR E 26 -13.54 2.69 34.27
C THR E 26 -12.51 2.01 33.40
N ASP E 27 -11.71 1.15 34.01
CA ASP E 27 -10.66 0.46 33.25
C ASP E 27 -11.26 -0.46 32.20
N ALA E 28 -12.41 -1.07 32.51
CA ALA E 28 -13.08 -1.96 31.56
C ALA E 28 -13.55 -1.20 30.33
N LEU E 29 -14.06 -0.01 30.53
CA LEU E 29 -14.60 0.76 29.43
C LEU E 29 -13.45 1.21 28.55
N ASN E 30 -12.37 1.61 29.18
CA ASN E 30 -11.19 2.08 28.48
C ASN E 30 -10.40 0.99 27.75
N LYS E 31 -10.74 -0.28 27.97
CA LYS E 31 -10.16 -1.36 27.17
C LYS E 31 -10.82 -1.40 25.80
N ASN E 32 -12.05 -0.91 25.73
CA ASN E 32 -12.85 -1.05 24.52
C ASN E 32 -12.38 -0.12 23.40
N GLN E 33 -12.20 -0.70 22.22
CA GLN E 33 -11.67 0.00 21.06
C GLN E 33 -12.39 1.32 20.78
N PHE E 34 -13.71 1.32 20.85
CA PHE E 34 -14.44 2.54 20.59
C PHE E 34 -14.42 3.48 21.80
N LEU E 35 -14.86 2.98 22.95
CA LEU E 35 -15.05 3.83 24.12
C LEU E 35 -13.79 4.54 24.62
N LYS E 36 -12.63 3.96 24.35
CA LYS E 36 -11.40 4.59 24.82
C LYS E 36 -11.12 5.89 24.05
N ARG E 37 -11.86 6.14 22.98
CA ARG E 37 -11.71 7.38 22.23
C ARG E 37 -12.65 8.51 22.69
N LEU E 38 -13.48 8.23 23.68
CA LEU E 38 -14.32 9.27 24.30
C LEU E 38 -13.50 10.07 25.29
N ASP E 39 -13.95 11.26 25.64
CA ASP E 39 -13.17 12.03 26.59
C ASP E 39 -13.43 11.49 28.01
N PRO E 40 -12.49 11.72 28.93
CA PRO E 40 -12.57 11.18 30.29
C PRO E 40 -13.90 11.45 30.97
N GLN E 41 -14.44 12.65 30.84
CA GLN E 41 -15.70 12.96 31.52
C GLN E 41 -16.84 12.07 31.03
N GLN E 42 -16.80 11.68 29.76
CA GLN E 42 -17.89 10.86 29.20
C GLN E 42 -17.84 9.45 29.78
N ILE E 43 -16.62 8.92 29.87
CA ILE E 43 -16.39 7.64 30.53
C ILE E 43 -16.84 7.70 31.98
N LYS E 44 -16.43 8.75 32.67
CA LYS E 44 -16.88 8.99 34.05
C LYS E 44 -18.40 8.99 34.13
N ASP E 45 -19.07 9.68 33.21
CA ASP E 45 -20.54 9.75 33.24
C ASP E 45 -21.08 8.32 33.10
N MET E 46 -20.49 7.55 32.20
CA MET E 46 -20.97 6.19 31.98
C MET E 46 -20.88 5.37 33.24
N VAL E 47 -19.73 5.41 33.90
CA VAL E 47 -19.53 4.72 35.17
C VAL E 47 -20.55 5.17 36.22
N GLU E 48 -20.68 6.47 36.41
CA GLU E 48 -21.61 7.00 37.41
C GLU E 48 -23.07 6.59 37.14
N CYS E 49 -23.44 6.47 35.88
CA CYS E 49 -24.82 6.15 35.51
C CYS E 49 -25.14 4.65 35.42
N MET E 50 -24.13 3.81 35.48
CA MET E 50 -24.34 2.38 35.42
C MET E 50 -24.97 1.84 36.68
N TYR E 51 -25.69 0.72 36.55
CA TYR E 51 -26.36 0.11 37.68
C TYR E 51 -26.18 -1.39 37.61
N GLY E 52 -26.31 -2.04 38.76
CA GLY E 52 -25.97 -3.45 38.85
C GLY E 52 -27.04 -4.32 38.20
N ARG E 53 -26.63 -5.33 37.45
CA ARG E 53 -27.56 -6.29 36.88
C ARG E 53 -26.98 -7.71 36.97
N ASN E 54 -27.60 -8.58 37.76
CA ASN E 54 -27.06 -9.93 37.95
C ASN E 54 -27.89 -10.96 37.22
N TYR E 55 -27.22 -12.04 36.82
CA TYR E 55 -27.87 -13.08 36.02
C TYR E 55 -27.50 -14.47 36.52
N GLN E 56 -28.52 -15.31 36.66
CA GLN E 56 -28.30 -16.69 37.09
C GLN E 56 -27.82 -17.52 35.93
N GLN E 57 -27.01 -18.53 36.24
CA GLN E 57 -26.57 -19.51 35.28
C GLN E 57 -27.73 -20.02 34.44
N GLY E 58 -27.51 -20.05 33.12
CA GLY E 58 -28.48 -20.60 32.20
C GLY E 58 -29.23 -19.53 31.45
N SER E 59 -29.19 -18.29 31.96
CA SER E 59 -29.96 -17.21 31.37
C SER E 59 -29.19 -16.48 30.28
N TYR E 60 -29.93 -15.80 29.39
CA TYR E 60 -29.32 -15.01 28.32
C TYR E 60 -29.36 -13.53 28.70
N ILE E 61 -28.19 -12.90 28.66
CA ILE E 61 -28.07 -11.46 28.85
C ILE E 61 -28.49 -10.77 27.56
N ILE E 62 -28.06 -11.34 26.44
CA ILE E 62 -28.31 -10.80 25.11
C ILE E 62 -28.75 -11.93 24.18
N LYS E 63 -29.75 -11.65 23.34
CA LYS E 63 -30.22 -12.60 22.32
C LYS E 63 -29.98 -12.06 20.91
N GLN E 64 -29.34 -12.87 20.07
CA GLN E 64 -29.09 -12.53 18.68
C GLN E 64 -30.36 -12.06 18.00
N GLY E 65 -30.26 -11.00 17.22
CA GLY E 65 -31.42 -10.52 16.47
C GLY E 65 -32.29 -9.49 17.16
N GLU E 66 -32.11 -9.32 18.46
CA GLU E 66 -32.89 -8.35 19.22
C GLU E 66 -32.27 -6.96 19.08
N PRO E 67 -33.07 -5.91 19.30
CA PRO E 67 -32.46 -4.58 19.37
C PRO E 67 -31.57 -4.51 20.62
N GLY E 68 -30.53 -3.67 20.63
CA GLY E 68 -29.74 -3.54 21.85
C GLY E 68 -30.35 -2.51 22.77
N ASN E 69 -30.50 -2.83 24.06
CA ASN E 69 -31.02 -1.87 25.05
C ASN E 69 -30.04 -1.44 26.15
N HIS E 70 -28.87 -2.09 26.20
CA HIS E 70 -27.88 -1.81 27.25
C HIS E 70 -26.46 -2.04 26.74
N ILE E 71 -25.53 -1.30 27.32
CA ILE E 71 -24.13 -1.63 27.27
C ILE E 71 -23.81 -2.25 28.61
N PHE E 72 -23.05 -3.36 28.61
CA PHE E 72 -22.66 -4.10 29.81
C PHE E 72 -21.16 -4.12 30.05
N VAL E 73 -20.79 -4.20 31.33
CA VAL E 73 -19.47 -4.64 31.76
C VAL E 73 -19.55 -5.91 32.61
N LEU E 74 -18.78 -6.92 32.23
CA LEU E 74 -18.72 -8.15 33.00
C LEU E 74 -17.89 -7.94 34.27
N ALA E 75 -18.50 -8.19 35.43
CA ALA E 75 -17.86 -7.96 36.74
C ALA E 75 -17.53 -9.24 37.52
N GLU E 76 -18.18 -10.34 37.17
CA GLU E 76 -18.02 -11.59 37.90
C GLU E 76 -18.74 -12.71 37.16
N GLY E 77 -18.11 -13.88 37.06
CA GLY E 77 -18.74 -15.05 36.45
C GLY E 77 -18.31 -15.29 35.02
N ARG E 78 -18.83 -16.36 34.42
CA ARG E 78 -18.49 -16.73 33.06
C ARG E 78 -19.62 -16.47 32.07
N LEU E 79 -19.34 -15.64 31.05
CA LEU E 79 -20.26 -15.39 29.93
C LEU E 79 -19.69 -15.93 28.64
N GLU E 80 -20.54 -16.58 27.85
CA GLU E 80 -20.10 -17.09 26.55
C GLU E 80 -21.00 -16.61 25.42
N VAL E 81 -20.38 -16.48 24.24
CA VAL E 81 -21.01 -15.93 23.06
C VAL E 81 -21.30 -16.97 22.00
N PHE E 82 -22.55 -16.98 21.53
CA PHE E 82 -23.06 -17.96 20.57
C PHE E 82 -23.75 -17.37 19.35
N GLN E 83 -23.64 -18.07 18.22
CA GLN E 83 -24.56 -17.85 17.10
C GLN E 83 -25.25 -19.17 16.86
N GLY E 84 -26.50 -19.27 17.31
CA GLY E 84 -27.19 -20.53 17.33
C GLY E 84 -26.45 -21.43 18.29
N GLU E 85 -26.19 -22.66 17.89
CA GLU E 85 -25.47 -23.59 18.73
C GLU E 85 -23.95 -23.46 18.59
N LYS E 86 -23.48 -22.56 17.74
CA LYS E 86 -22.04 -22.39 17.57
C LYS E 86 -21.47 -21.48 18.65
N LEU E 87 -20.55 -22.04 19.43
CA LEU E 87 -19.78 -21.30 20.42
C LEU E 87 -18.68 -20.48 19.77
N LEU E 88 -18.68 -19.16 20.03
CA LEU E 88 -17.69 -18.28 19.41
C LEU E 88 -16.57 -17.90 20.35
N SER E 89 -16.90 -17.61 21.59
CA SER E 89 -15.94 -17.01 22.51
C SER E 89 -16.50 -16.91 23.91
N SER E 90 -15.57 -16.69 24.84
CA SER E 90 -15.83 -16.35 26.23
C SER E 90 -15.50 -14.87 26.44
N ILE E 91 -16.28 -14.15 27.24
CA ILE E 91 -15.99 -12.74 27.49
C ILE E 91 -15.02 -12.56 28.68
N PRO E 92 -13.88 -11.91 28.46
CA PRO E 92 -12.90 -11.76 29.55
C PRO E 92 -13.45 -10.93 30.70
N MET E 93 -12.93 -11.15 31.91
CA MET E 93 -13.40 -10.43 33.07
C MET E 93 -13.15 -8.95 32.89
N TRP E 94 -14.02 -8.14 33.47
CA TRP E 94 -13.91 -6.69 33.42
C TRP E 94 -13.69 -6.22 31.98
N THR E 95 -14.59 -6.71 31.13
CA THR E 95 -14.70 -6.37 29.71
C THR E 95 -16.06 -5.77 29.39
N THR E 96 -16.07 -4.80 28.48
CA THR E 96 -17.31 -4.23 27.98
C THR E 96 -17.90 -5.14 26.90
N PHE E 97 -19.23 -5.30 26.88
CA PHE E 97 -19.87 -6.00 25.77
C PHE E 97 -21.26 -5.48 25.53
N GLY E 98 -21.80 -5.77 24.34
CA GLY E 98 -23.14 -5.30 23.97
C GLY E 98 -23.08 -3.91 23.37
N GLU E 99 -21.88 -3.44 23.04
CA GLU E 99 -21.74 -2.10 22.53
C GLU E 99 -22.10 -2.04 21.03
N LEU E 100 -21.92 -3.15 20.32
CA LEU E 100 -22.00 -3.14 18.86
C LEU E 100 -23.37 -2.74 18.35
N ALA E 101 -24.40 -3.42 18.81
CA ALA E 101 -25.75 -3.13 18.34
C ALA E 101 -26.08 -1.66 18.55
N ILE E 102 -25.61 -1.10 19.66
CA ILE E 102 -26.01 0.25 20.05
C ILE E 102 -25.27 1.29 19.22
N LEU E 103 -23.98 1.06 19.01
CA LEU E 103 -23.15 1.97 18.21
C LEU E 103 -23.44 1.93 16.73
N TYR E 104 -23.77 0.75 16.20
CA TYR E 104 -23.85 0.59 14.75
C TYR E 104 -25.28 0.36 14.26
N ASN E 105 -26.27 0.55 15.15
CA ASN E 105 -27.67 0.51 14.77
C ASN E 105 -27.99 -0.72 13.94
N CYS E 106 -27.46 -1.86 14.38
CA CYS E 106 -27.89 -3.15 13.88
C CYS E 106 -28.46 -3.91 15.05
N THR E 107 -29.01 -5.09 14.78
CA THR E 107 -29.52 -5.93 15.86
C THR E 107 -28.35 -6.68 16.46
N ARG E 108 -28.56 -7.23 17.66
CA ARG E 108 -27.56 -8.03 18.36
C ARG E 108 -26.95 -9.06 17.41
N THR E 109 -25.63 -9.07 17.32
CA THR E 109 -24.97 -9.92 16.31
C THR E 109 -24.80 -11.34 16.76
N ALA E 110 -24.99 -11.56 18.04
CA ALA E 110 -24.78 -12.86 18.66
C ALA E 110 -25.54 -12.88 19.99
N SER E 111 -25.69 -14.08 20.56
CA SER E 111 -26.28 -14.24 21.88
C SER E 111 -25.19 -14.34 22.93
N VAL E 112 -25.50 -13.88 24.14
CA VAL E 112 -24.57 -13.97 25.26
C VAL E 112 -25.26 -14.65 26.44
N LYS E 113 -24.66 -15.74 26.90
CA LYS E 113 -25.27 -16.61 27.89
C LYS E 113 -24.42 -16.76 29.16
N ALA E 114 -25.10 -16.76 30.31
CA ALA E 114 -24.46 -16.96 31.59
C ALA E 114 -24.20 -18.46 31.80
N ILE E 115 -22.93 -18.82 31.82
CA ILE E 115 -22.49 -20.21 32.00
C ILE E 115 -22.32 -20.53 33.49
N THR E 116 -22.06 -19.49 34.28
CA THR E 116 -22.19 -19.53 35.75
C THR E 116 -23.10 -18.38 36.17
N ASN E 117 -23.31 -18.19 37.47
CA ASN E 117 -23.95 -16.95 37.91
C ASN E 117 -23.05 -15.78 37.55
N VAL E 118 -23.67 -14.66 37.14
CA VAL E 118 -22.93 -13.54 36.57
C VAL E 118 -23.40 -12.22 37.17
N LYS E 119 -22.43 -11.36 37.47
CA LYS E 119 -22.70 -9.99 37.85
C LYS E 119 -22.20 -9.05 36.72
N THR E 120 -23.04 -8.09 36.35
CA THR E 120 -22.66 -7.07 35.38
C THR E 120 -22.96 -5.69 35.94
N TRP E 121 -22.37 -4.69 35.32
CA TRP E 121 -22.81 -3.30 35.46
C TRP E 121 -23.39 -2.94 34.10
N ALA E 122 -24.57 -2.31 34.10
CA ALA E 122 -25.29 -2.02 32.86
C ALA E 122 -25.55 -0.53 32.72
N LEU E 123 -25.59 -0.07 31.47
CA LEU E 123 -25.90 1.32 31.11
C LEU E 123 -27.03 1.28 30.10
N ASP E 124 -28.12 1.97 30.42
CA ASP E 124 -29.24 2.10 29.49
C ASP E 124 -28.84 2.79 28.18
N ARG E 125 -29.36 2.28 27.06
CA ARG E 125 -29.09 2.85 25.75
C ARG E 125 -29.35 4.35 25.74
N GLU E 126 -30.51 4.75 26.24
CA GLU E 126 -30.90 6.16 26.18
C GLU E 126 -29.90 7.04 26.96
N VAL E 127 -29.38 6.51 28.06
CA VAL E 127 -28.48 7.28 28.89
C VAL E 127 -27.16 7.38 28.14
N PHE E 128 -26.71 6.26 27.60
CA PHE E 128 -25.50 6.26 26.74
C PHE E 128 -25.59 7.28 25.60
N GLN E 129 -26.73 7.32 24.92
CA GLN E 129 -26.90 8.25 23.81
C GLN E 129 -26.80 9.69 24.30
N ASN E 130 -27.38 9.97 25.48
CA ASN E 130 -27.32 11.30 26.06
C ASN E 130 -25.87 11.71 26.32
N ILE E 131 -25.09 10.78 26.87
CA ILE E 131 -23.67 11.02 27.13
C ILE E 131 -22.89 11.28 25.84
N MET E 132 -23.19 10.52 24.80
CA MET E 132 -22.50 10.61 23.53
C MET E 132 -22.72 11.95 22.85
N ARG E 133 -23.85 12.58 23.12
CA ARG E 133 -24.15 13.83 22.46
C ARG E 133 -23.37 14.99 23.06
N ARG E 134 -22.60 14.74 24.13
CA ARG E 134 -21.70 15.75 24.69
C ARG E 134 -20.27 15.67 24.12
N LYS F 17 -10.85 -44.49 -14.20
CA LYS F 17 -11.19 -45.06 -12.91
C LYS F 17 -11.75 -46.47 -13.06
N ASP F 18 -10.85 -47.45 -13.12
CA ASP F 18 -11.28 -48.82 -13.37
C ASP F 18 -10.29 -49.80 -12.77
N SER F 19 -10.83 -50.97 -12.40
CA SER F 19 -10.13 -52.15 -11.86
C SER F 19 -8.64 -52.08 -11.56
N SER F 20 -8.25 -52.76 -10.49
CA SER F 20 -6.95 -52.61 -9.84
C SER F 20 -6.94 -51.35 -8.96
N GLU F 21 -7.44 -50.24 -9.51
CA GLU F 21 -7.61 -49.02 -8.71
C GLU F 21 -8.83 -49.21 -7.82
N LYS F 22 -9.78 -50.02 -8.29
CA LYS F 22 -10.95 -50.38 -7.47
C LYS F 22 -10.51 -51.12 -6.20
N LYS F 23 -9.55 -52.04 -6.32
CA LYS F 23 -9.07 -52.83 -5.16
C LYS F 23 -8.23 -52.00 -4.20
N LEU F 24 -7.38 -51.15 -4.74
CA LEU F 24 -6.57 -50.25 -3.94
C LEU F 24 -7.45 -49.35 -3.08
N ILE F 25 -8.45 -48.76 -3.70
CA ILE F 25 -9.32 -47.84 -2.99
C ILE F 25 -10.09 -48.61 -1.91
N THR F 26 -10.66 -49.74 -2.30
CA THR F 26 -11.34 -50.63 -1.36
C THR F 26 -10.49 -50.97 -0.12
N ASP F 27 -9.26 -51.40 -0.35
CA ASP F 27 -8.34 -51.74 0.72
C ASP F 27 -8.10 -50.53 1.61
N ALA F 28 -7.90 -49.37 1.00
CA ALA F 28 -7.69 -48.12 1.73
C ALA F 28 -8.85 -47.80 2.69
N LEU F 29 -10.07 -47.99 2.21
CA LEU F 29 -11.24 -47.65 3.01
C LEU F 29 -11.30 -48.62 4.17
N ASN F 30 -11.04 -49.88 3.87
CA ASN F 30 -11.14 -50.92 4.89
C ASN F 30 -10.05 -50.84 5.94
N LYS F 31 -9.05 -49.98 5.75
CA LYS F 31 -8.01 -49.79 6.79
C LYS F 31 -8.54 -48.86 7.88
N ASN F 32 -9.52 -48.05 7.52
CA ASN F 32 -10.05 -47.03 8.41
C ASN F 32 -10.92 -47.67 9.48
N GLN F 33 -10.65 -47.35 10.74
CA GLN F 33 -11.30 -48.02 11.86
C GLN F 33 -12.81 -47.84 11.80
N PHE F 34 -13.29 -46.70 11.30
CA PHE F 34 -14.74 -46.54 11.22
C PHE F 34 -15.31 -47.31 10.03
N LEU F 35 -14.71 -47.13 8.88
CA LEU F 35 -15.28 -47.69 7.67
C LEU F 35 -15.19 -49.21 7.66
N LYS F 36 -14.16 -49.72 8.34
CA LYS F 36 -13.98 -51.14 8.60
C LYS F 36 -15.28 -51.83 8.95
N ARG F 37 -16.10 -51.13 9.71
CA ARG F 37 -17.27 -51.72 10.34
C ARG F 37 -18.49 -51.67 9.42
N LEU F 38 -18.37 -51.05 8.25
CA LEU F 38 -19.49 -50.97 7.31
C LEU F 38 -19.71 -52.29 6.57
N ASP F 39 -20.91 -52.46 6.03
CA ASP F 39 -21.21 -53.63 5.18
C ASP F 39 -20.31 -53.57 3.95
N PRO F 40 -19.86 -54.72 3.42
CA PRO F 40 -18.99 -54.66 2.24
C PRO F 40 -19.66 -53.97 1.03
N GLN F 41 -20.98 -54.07 0.92
CA GLN F 41 -21.69 -53.39 -0.16
C GLN F 41 -21.60 -51.86 0.01
N GLN F 42 -21.56 -51.41 1.27
CA GLN F 42 -21.41 -49.99 1.56
C GLN F 42 -20.04 -49.50 1.10
N ILE F 43 -19.00 -50.26 1.39
CA ILE F 43 -17.68 -49.94 0.86
C ILE F 43 -17.70 -49.94 -0.65
N LYS F 44 -18.29 -50.99 -1.22
CA LYS F 44 -18.37 -51.10 -2.66
C LYS F 44 -19.07 -49.87 -3.27
N ASP F 45 -20.17 -49.43 -2.66
CA ASP F 45 -20.88 -48.22 -3.13
C ASP F 45 -19.97 -46.99 -3.09
N MET F 46 -19.21 -46.85 -2.01
CA MET F 46 -18.36 -45.68 -1.86
C MET F 46 -17.36 -45.66 -3.00
N VAL F 47 -16.76 -46.82 -3.24
CA VAL F 47 -15.79 -46.93 -4.31
C VAL F 47 -16.42 -46.57 -5.64
N GLU F 48 -17.61 -47.10 -5.91
CA GLU F 48 -18.24 -46.90 -7.21
C GLU F 48 -18.61 -45.43 -7.42
N CYS F 49 -18.85 -44.72 -6.31
CA CYS F 49 -19.32 -43.35 -6.36
C CYS F 49 -18.20 -42.33 -6.29
N MET F 50 -16.98 -42.82 -6.05
CA MET F 50 -15.83 -41.94 -5.95
C MET F 50 -15.33 -41.49 -7.31
N TYR F 51 -14.74 -40.30 -7.33
CA TYR F 51 -14.18 -39.74 -8.54
C TYR F 51 -12.79 -39.18 -8.30
N GLY F 52 -12.01 -39.08 -9.37
CA GLY F 52 -10.64 -38.64 -9.26
C GLY F 52 -10.61 -37.13 -9.07
N ARG F 53 -9.70 -36.65 -8.23
CA ARG F 53 -9.45 -35.21 -8.08
C ARG F 53 -7.95 -35.05 -7.86
N ASN F 54 -7.33 -34.31 -8.76
CA ASN F 54 -5.89 -34.09 -8.70
C ASN F 54 -5.58 -32.70 -8.21
N TYR F 55 -4.47 -32.59 -7.48
CA TYR F 55 -4.08 -31.35 -6.85
C TYR F 55 -2.65 -31.03 -7.20
N GLN F 56 -2.39 -29.78 -7.54
CA GLN F 56 -1.02 -29.33 -7.79
C GLN F 56 -0.28 -29.10 -6.48
N GLN F 57 1.04 -29.32 -6.50
CA GLN F 57 1.89 -28.95 -5.39
C GLN F 57 1.58 -27.55 -4.91
N GLY F 58 1.45 -27.38 -3.60
CA GLY F 58 1.21 -26.08 -2.97
C GLY F 58 -0.26 -25.86 -2.65
N SER F 59 -1.12 -26.65 -3.28
CA SER F 59 -2.57 -26.60 -3.04
C SER F 59 -2.90 -27.19 -1.68
N TYR F 60 -3.92 -26.63 -1.01
CA TYR F 60 -4.51 -27.29 0.15
C TYR F 60 -5.68 -28.14 -0.29
N ILE F 61 -5.67 -29.40 0.10
CA ILE F 61 -6.81 -30.25 -0.14
C ILE F 61 -7.90 -29.94 0.90
N ILE F 62 -7.45 -29.70 2.12
CA ILE F 62 -8.32 -29.43 3.28
C ILE F 62 -7.73 -28.29 4.09
N LYS F 63 -8.60 -27.47 4.65
CA LYS F 63 -8.19 -26.35 5.50
C LYS F 63 -8.85 -26.42 6.87
N GLN F 64 -8.04 -26.33 7.91
CA GLN F 64 -8.53 -26.35 9.28
C GLN F 64 -9.67 -25.36 9.46
N GLY F 65 -10.69 -25.80 10.17
CA GLY F 65 -11.75 -24.87 10.57
C GLY F 65 -12.88 -24.80 9.56
N GLU F 66 -12.67 -25.32 8.37
CA GLU F 66 -13.73 -25.34 7.37
C GLU F 66 -14.68 -26.50 7.63
N PRO F 67 -15.86 -26.48 7.01
CA PRO F 67 -16.69 -27.68 7.09
C PRO F 67 -16.15 -28.76 6.14
N GLY F 68 -16.49 -30.01 6.38
CA GLY F 68 -16.05 -31.06 5.50
C GLY F 68 -17.02 -31.22 4.34
N ASN F 69 -16.52 -31.45 3.14
CA ASN F 69 -17.40 -31.69 2.00
C ASN F 69 -17.10 -33.00 1.26
N HIS F 70 -15.94 -33.59 1.53
CA HIS F 70 -15.54 -34.85 0.92
C HIS F 70 -14.77 -35.77 1.87
N ILE F 71 -14.85 -37.06 1.59
CA ILE F 71 -13.88 -38.00 2.13
C ILE F 71 -12.93 -38.36 0.98
N PHE F 72 -11.65 -38.49 1.30
CA PHE F 72 -10.61 -38.76 0.30
C PHE F 72 -9.84 -40.04 0.54
N VAL F 73 -9.22 -40.53 -0.52
CA VAL F 73 -8.21 -41.56 -0.43
C VAL F 73 -7.02 -41.03 -1.21
N LEU F 74 -5.85 -40.99 -0.59
CA LEU F 74 -4.64 -40.58 -1.29
C LEU F 74 -4.16 -41.71 -2.20
N ALA F 75 -4.02 -41.43 -3.49
CA ALA F 75 -3.54 -42.41 -4.45
C ALA F 75 -2.07 -42.18 -4.78
N GLU F 76 -1.67 -40.93 -4.98
CA GLU F 76 -0.30 -40.62 -5.40
C GLU F 76 0.13 -39.25 -4.85
N GLY F 77 1.40 -39.13 -4.48
CA GLY F 77 1.96 -37.86 -4.05
C GLY F 77 2.10 -37.75 -2.55
N ARG F 78 2.66 -36.63 -2.10
CA ARG F 78 2.89 -36.44 -0.67
C ARG F 78 1.96 -35.38 -0.10
N LEU F 79 1.20 -35.77 0.93
CA LEU F 79 0.31 -34.87 1.67
C LEU F 79 0.82 -34.72 3.10
N GLU F 80 0.90 -33.48 3.58
CA GLU F 80 1.24 -33.20 4.96
C GLU F 80 0.10 -32.56 5.71
N VAL F 81 0.05 -32.85 7.02
CA VAL F 81 -1.02 -32.39 7.87
C VAL F 81 -0.48 -31.36 8.86
N PHE F 82 -1.16 -30.23 8.95
CA PHE F 82 -0.77 -29.10 9.81
C PHE F 82 -1.87 -28.67 10.75
N GLN F 83 -1.49 -28.23 11.94
CA GLN F 83 -2.37 -27.45 12.78
C GLN F 83 -1.66 -26.13 13.03
N GLY F 84 -2.17 -25.06 12.44
CA GLY F 84 -1.44 -23.80 12.42
C GLY F 84 -0.06 -23.95 11.80
N GLU F 85 0.98 -23.59 12.55
CA GLU F 85 2.34 -23.76 12.09
C GLU F 85 2.86 -25.18 12.38
N LYS F 86 2.26 -25.86 13.34
CA LYS F 86 2.73 -27.18 13.78
C LYS F 86 2.51 -28.24 12.71
N LEU F 87 3.61 -28.89 12.32
CA LEU F 87 3.54 -30.00 11.39
C LEU F 87 3.35 -31.29 12.18
N LEU F 88 2.31 -32.03 11.82
CA LEU F 88 1.92 -33.19 12.59
C LEU F 88 2.32 -34.50 11.95
N SER F 89 2.09 -34.62 10.63
CA SER F 89 2.28 -35.90 9.98
C SER F 89 2.21 -35.78 8.49
N SER F 90 2.55 -36.88 7.82
CA SER F 90 2.28 -37.06 6.42
C SER F 90 1.31 -38.21 6.24
N ILE F 91 0.44 -38.12 5.25
CA ILE F 91 -0.55 -39.17 5.01
C ILE F 91 0.04 -40.28 4.12
N PRO F 92 0.09 -41.53 4.62
CA PRO F 92 0.65 -42.58 3.74
C PRO F 92 -0.19 -42.77 2.49
N MET F 93 0.40 -43.15 1.37
CA MET F 93 -0.41 -43.35 0.17
C MET F 93 -1.38 -44.54 0.41
N TRP F 94 -2.48 -44.53 -0.35
CA TRP F 94 -3.58 -45.47 -0.20
C TRP F 94 -4.08 -45.52 1.23
N THR F 95 -4.35 -44.32 1.75
CA THR F 95 -4.92 -44.12 3.08
C THR F 95 -6.11 -43.18 2.97
N THR F 96 -7.14 -43.44 3.77
CA THR F 96 -8.32 -42.57 3.80
C THR F 96 -8.02 -41.34 4.65
N PHE F 97 -8.50 -40.17 4.23
CA PHE F 97 -8.44 -39.01 5.12
C PHE F 97 -9.62 -38.08 4.87
N GLY F 98 -9.88 -37.19 5.83
CA GLY F 98 -10.98 -36.26 5.75
C GLY F 98 -12.30 -36.84 6.27
N GLU F 99 -12.23 -37.94 7.01
CA GLU F 99 -13.43 -38.60 7.51
C GLU F 99 -13.91 -37.96 8.79
N LEU F 100 -13.00 -37.34 9.56
CA LEU F 100 -13.35 -36.86 10.89
C LEU F 100 -14.42 -35.78 10.89
N ALA F 101 -14.23 -34.72 10.12
CA ALA F 101 -15.21 -33.64 10.13
C ALA F 101 -16.57 -34.10 9.66
N ILE F 102 -16.58 -35.07 8.75
CA ILE F 102 -17.86 -35.53 8.21
C ILE F 102 -18.55 -36.50 9.18
N LEU F 103 -17.78 -37.34 9.87
CA LEU F 103 -18.36 -38.31 10.80
C LEU F 103 -18.84 -37.63 12.08
N TYR F 104 -18.07 -36.66 12.56
CA TYR F 104 -18.36 -36.04 13.86
C TYR F 104 -18.97 -34.65 13.69
N ASN F 105 -19.17 -34.25 12.44
CA ASN F 105 -19.85 -32.99 12.13
C ASN F 105 -19.21 -31.81 12.84
N CYS F 106 -17.94 -31.98 13.23
CA CYS F 106 -17.11 -30.88 13.70
C CYS F 106 -16.45 -30.28 12.47
N THR F 107 -15.78 -29.17 12.63
CA THR F 107 -15.05 -28.58 11.52
C THR F 107 -13.77 -29.36 11.32
N ARG F 108 -13.14 -29.16 10.16
CA ARG F 108 -11.87 -29.83 9.85
C ARG F 108 -10.87 -29.61 10.99
N THR F 109 -10.24 -30.68 11.48
CA THR F 109 -9.42 -30.57 12.68
C THR F 109 -8.01 -30.09 12.37
N ALA F 110 -7.65 -30.11 11.09
CA ALA F 110 -6.29 -29.77 10.63
C ALA F 110 -6.30 -29.49 9.12
N SER F 111 -5.24 -28.88 8.61
CA SER F 111 -5.10 -28.61 7.19
C SER F 111 -4.32 -29.72 6.53
N VAL F 112 -4.59 -29.99 5.26
CA VAL F 112 -3.87 -31.00 4.52
C VAL F 112 -3.37 -30.40 3.21
N LYS F 113 -2.06 -30.43 3.02
CA LYS F 113 -1.41 -29.71 1.95
C LYS F 113 -0.60 -30.62 1.03
N ALA F 114 -0.69 -30.36 -0.27
CA ALA F 114 0.04 -31.13 -1.28
C ALA F 114 1.47 -30.61 -1.37
N ILE F 115 2.41 -31.42 -0.89
CA ILE F 115 3.84 -31.09 -0.96
C ILE F 115 4.42 -31.41 -2.35
N THR F 116 3.80 -32.37 -3.03
CA THR F 116 4.01 -32.65 -4.44
C THR F 116 2.66 -32.61 -5.15
N ASN F 117 2.67 -32.75 -6.47
CA ASN F 117 1.42 -33.01 -7.19
C ASN F 117 0.81 -34.27 -6.59
N VAL F 118 -0.51 -34.25 -6.41
CA VAL F 118 -1.22 -35.34 -5.74
C VAL F 118 -2.42 -35.82 -6.56
N LYS F 119 -2.66 -37.13 -6.48
CA LYS F 119 -3.86 -37.74 -7.04
C LYS F 119 -4.66 -38.32 -5.87
N THR F 120 -5.94 -37.96 -5.82
CA THR F 120 -6.87 -38.48 -4.82
C THR F 120 -8.11 -39.04 -5.49
N TRP F 121 -8.81 -39.88 -4.76
CA TRP F 121 -10.16 -40.28 -5.08
C TRP F 121 -11.02 -39.62 -4.01
N ALA F 122 -12.09 -38.97 -4.44
CA ALA F 122 -12.95 -38.23 -3.53
C ALA F 122 -14.39 -38.77 -3.57
N LEU F 123 -15.07 -38.68 -2.43
CA LEU F 123 -16.48 -39.06 -2.27
C LEU F 123 -17.18 -37.88 -1.65
N ASP F 124 -18.25 -37.41 -2.30
CA ASP F 124 -19.06 -36.31 -1.78
C ASP F 124 -19.69 -36.62 -0.40
N ARG F 125 -19.68 -35.63 0.49
CA ARG F 125 -20.30 -35.77 1.80
C ARG F 125 -21.74 -36.32 1.68
N GLU F 126 -22.52 -35.75 0.78
CA GLU F 126 -23.94 -36.09 0.79
C GLU F 126 -24.11 -37.52 0.30
N VAL F 127 -23.20 -37.97 -0.54
CA VAL F 127 -23.30 -39.33 -1.08
C VAL F 127 -22.86 -40.33 0.01
N PHE F 128 -21.81 -39.98 0.74
CA PHE F 128 -21.32 -40.80 1.84
C PHE F 128 -22.39 -40.99 2.88
N GLN F 129 -23.05 -39.90 3.24
CA GLN F 129 -24.14 -39.93 4.20
C GLN F 129 -25.30 -40.78 3.69
N ASN F 130 -25.63 -40.69 2.40
CA ASN F 130 -26.66 -41.52 1.83
C ASN F 130 -26.34 -43.01 1.98
N ILE F 131 -25.09 -43.36 1.68
CA ILE F 131 -24.63 -44.72 1.84
C ILE F 131 -24.73 -45.18 3.29
N MET F 132 -24.38 -44.28 4.21
CA MET F 132 -24.40 -44.61 5.63
C MET F 132 -25.79 -44.94 6.11
N ARG F 133 -26.80 -44.33 5.50
CA ARG F 133 -28.17 -44.57 5.92
C ARG F 133 -28.59 -45.99 5.57
N ARG F 134 -27.93 -46.60 4.58
CA ARG F 134 -28.25 -47.97 4.19
C ARG F 134 -27.58 -48.97 5.11
C1 MLA G . 4.00 -4.64 -11.21
O1A MLA G . 4.78 -4.16 -12.08
O1B MLA G . 3.83 -4.05 -10.11
C2 MLA G . 3.29 -5.90 -11.55
C3 MLA G . 1.89 -5.98 -10.99
O3A MLA G . 1.57 -7.02 -10.37
O3B MLA G . 1.07 -5.06 -11.15
HC21 MLA G . 3.25 -5.99 -12.52
HC22 MLA G . 3.81 -6.66 -11.20
PA PCG H . 12.12 -2.08 -11.93
O1A PCG H . 12.74 -1.63 -13.14
O2A PCG H . 11.11 -1.26 -11.42
O5' PCG H . 11.56 -3.45 -12.20
C5' PCG H . 12.40 -4.48 -12.53
C4' PCG H . 13.41 -4.66 -11.42
O4' PCG H . 14.35 -5.66 -11.48
C3' PCG H . 14.15 -3.39 -11.25
O3' PCG H . 13.23 -2.39 -10.89
C2' PCG H . 15.20 -3.82 -10.26
O2' PCG H . 14.71 -3.73 -8.96
C1' PCG H . 15.36 -5.32 -10.57
N9 PCG H . 16.69 -5.75 -11.02
C8 PCG H . 17.47 -6.65 -10.47
N7 PCG H . 18.58 -6.81 -11.14
C5 PCG H . 18.52 -5.98 -12.17
C6 PCG H . 19.36 -5.65 -13.31
O6 PCG H . 20.40 -6.21 -13.43
N1 PCG H . 18.92 -4.73 -14.14
C2 PCG H . 17.74 -4.12 -14.02
N2 PCG H . 17.40 -3.23 -14.93
N3 PCG H . 16.90 -4.40 -13.01
C4 PCG H . 17.25 -5.29 -12.10
NA NA I . 15.64 -3.90 -24.12
C1 MLA J . 31.37 6.13 -19.71
O1A MLA J . 31.74 7.23 -20.18
O1B MLA J . 32.17 5.39 -19.11
C2 MLA J . 29.95 5.72 -19.93
C3 MLA J . 29.24 5.40 -18.63
O3A MLA J . 28.26 4.62 -18.72
O3B MLA J . 29.58 5.86 -17.51
HC21 MLA J . 29.47 6.44 -20.37
HC22 MLA J . 29.93 4.93 -20.50
C1 MLA K . 38.91 14.60 -14.71
O1A MLA K . 39.11 15.65 -14.04
O1B MLA K . 39.03 14.71 -15.96
C2 MLA K . 38.53 13.30 -14.01
C3 MLA K . 38.54 12.11 -14.95
O3A MLA K . 38.11 10.97 -14.61
O3B MLA K . 38.98 12.22 -16.13
HC21 MLA K . 39.17 13.14 -13.29
HC22 MLA K . 37.63 13.40 -13.63
PA PCG L . 21.19 4.22 -15.81
O1A PCG L . 22.28 4.08 -14.98
O2A PCG L . 20.40 3.08 -16.05
O5' PCG L . 21.65 4.84 -17.16
C5' PCG L . 20.68 5.27 -18.04
C4' PCG L . 19.89 6.34 -17.34
O4' PCG L . 18.89 6.96 -18.04
C3' PCG L . 19.23 5.76 -16.14
O3' PCG L . 20.21 5.30 -15.29
C2' PCG L . 18.40 6.95 -15.72
O2' PCG L . 19.14 7.88 -14.97
C1' PCG L . 18.10 7.59 -17.08
N9 PCG L . 16.71 7.52 -17.49
C8 PCG L . 15.98 8.58 -17.74
N7 PCG L . 14.78 8.21 -18.11
C5 PCG L . 14.72 6.89 -18.08
C6 PCG L . 13.71 5.87 -18.36
O6 PCG L . 12.61 6.19 -18.69
N1 PCG L . 14.07 4.59 -18.20
C2 PCG L . 15.30 4.23 -17.83
N2 PCG L . 15.58 2.94 -17.70
N3 PCG L . 16.26 5.13 -17.58
C4 PCG L . 16.03 6.43 -17.66
C1 MLA M . -12.64 -10.59 3.98
O1A MLA M . -11.81 -9.65 4.18
O1B MLA M . -13.47 -10.88 4.88
C2 MLA M . -12.69 -11.40 2.69
C3 MLA M . -11.46 -11.18 1.84
O3A MLA M . -10.33 -11.53 2.25
O3B MLA M . -11.59 -10.65 0.70
HC21 MLA M . -13.48 -11.14 2.19
HC22 MLA M . -12.75 -12.35 2.92
PA PCG N . -18.23 -7.65 9.86
O1A PCG N . -16.83 -7.56 10.02
O2A PCG N . -18.98 -8.45 10.81
O5' PCG N . -18.58 -8.27 8.53
C5' PCG N . -19.84 -8.19 7.92
C4' PCG N . -20.29 -6.75 7.97
O4' PCG N . -21.58 -6.50 7.55
C3' PCG N . -20.22 -6.20 9.36
O3' PCG N . -18.87 -6.22 9.73
C2' PCG N . -20.89 -4.88 9.14
O2' PCG N . -19.97 -3.87 8.77
C1' PCG N . -21.85 -5.21 8.00
N9 PCG N . -23.27 -5.12 8.37
C8 PCG N . -24.15 -4.32 7.82
N7 PCG N . -25.33 -4.47 8.36
C5 PCG N . -25.22 -5.38 9.30
C6 PCG N . -26.16 -6.00 10.25
O6 PCG N . -27.33 -5.63 10.25
N1 PCG N . -25.65 -6.92 11.07
C2 PCG N . -24.36 -7.28 11.04
N2 PCG N . -23.95 -8.22 11.88
N3 PCG N . -23.46 -6.76 10.19
C4 PCG N . -23.85 -5.82 9.31
NA NA O . -26.20 -17.19 12.67
C1 MLA P . 9.46 45.51 -19.27
O1A MLA P . 10.34 46.24 -18.75
O1B MLA P . 8.63 44.90 -18.56
C2 MLA P . 9.45 45.42 -20.78
C3 MLA P . 8.06 45.28 -21.29
O3A MLA P . 7.78 44.26 -21.97
O3B MLA P . 7.20 46.16 -21.03
HC21 MLA P . 9.85 46.22 -21.14
HC22 MLA P . 9.98 44.65 -21.05
PA PCG Q . 15.37 46.05 -13.08
O1A PCG Q . 16.14 47.17 -12.71
O2A PCG Q . 13.99 46.12 -12.84
O5' PCG Q . 15.59 45.81 -14.55
C5' PCG Q . 16.84 45.41 -15.01
C4' PCG Q . 17.29 44.18 -14.24
O4' PCG Q . 18.54 43.68 -14.47
C3' PCG Q . 17.29 44.48 -12.78
O3' PCG Q . 15.99 44.79 -12.42
C2' PCG Q . 17.89 43.22 -12.26
O2' PCG Q . 16.95 42.20 -12.11
C1' PCG Q . 18.77 42.80 -13.41
N9 PCG Q . 20.18 42.85 -13.12
C8 PCG Q . 21.00 41.83 -13.21
N7 PCG Q . 22.23 42.19 -12.91
C5 PCG Q . 22.22 43.47 -12.60
C6 PCG Q . 23.20 44.48 -12.20
O6 PCG Q . 24.36 44.16 -12.04
N1 PCG Q . 22.80 45.71 -11.99
C2 PCG Q . 21.52 46.05 -12.13
N2 PCG Q . 21.17 47.32 -11.90
N3 PCG Q . 20.57 45.18 -12.52
C4 PCG Q . 20.85 43.91 -12.76
C1 MLA R . -30.26 -6.27 25.65
O1A MLA R . -29.96 -5.09 25.99
O1B MLA R . -30.02 -6.69 24.49
C2 MLA R . -30.94 -7.20 26.64
C3 MLA R . -32.03 -6.44 27.35
O3A MLA R . -31.94 -6.22 28.60
O3B MLA R . -33.03 -6.01 26.72
HC21 MLA R . -31.34 -7.96 26.16
HC22 MLA R . -30.28 -7.52 27.28
PA PCG S . -23.68 -7.11 20.31
O1A PCG S . -24.29 -5.81 20.58
O2A PCG S . -23.75 -7.62 19.04
O5' PCG S . -24.21 -8.19 21.30
C5' PCG S . -23.51 -9.38 21.48
C4' PCG S . -22.09 -9.04 21.86
O4' PCG S . -21.23 -10.10 22.03
C3' PCG S . -21.47 -8.27 20.76
O3' PCG S . -22.18 -7.08 20.67
C2' PCG S . -20.05 -8.23 21.31
O2' PCG S . -19.99 -7.19 22.23
C1' PCG S . -19.95 -9.56 22.06
N9 PCG S . -19.04 -10.50 21.43
C8 PCG S . -18.00 -11.02 22.05
N7 PCG S . -17.35 -11.85 21.29
C5 PCG S . -17.96 -11.88 20.13
C6 PCG S . -17.76 -12.57 18.89
O6 PCG S . -16.82 -13.34 18.81
N1 PCG S . -18.62 -12.35 17.90
C2 PCG S . -19.64 -11.51 18.02
N2 PCG S . -20.45 -11.33 17.00
N3 PCG S . -19.88 -10.84 19.16
C4 PCG S . -19.10 -10.98 20.22
C1 MLA T . -13.51 -29.23 -0.49
O1A MLA T . -12.98 -29.58 -1.58
O1B MLA T . -14.73 -28.90 -0.45
C2 MLA T . -12.68 -29.17 0.77
C3 MLA T . -13.14 -30.24 1.73
O3A MLA T . -13.86 -31.22 1.31
O3B MLA T . -12.80 -30.15 2.94
HC21 MLA T . -11.74 -29.33 0.54
HC22 MLA T . -12.78 -28.30 1.19
PA PCG U . -10.43 -34.00 9.11
O1A PCG U . -10.14 -33.25 10.29
O2A PCG U . -11.78 -34.11 8.62
O5' PCG U . -9.58 -33.27 8.02
C5' PCG U . -8.19 -33.33 8.08
C4' PCG U . -7.78 -34.80 8.10
O4' PCG U . -6.43 -35.09 8.22
C3' PCG U . -8.35 -35.45 9.32
O3' PCG U . -9.75 -35.39 9.14
C2' PCG U . -7.67 -36.79 9.24
O2' PCG U . -8.35 -37.67 8.40
C1' PCG U . -6.35 -36.44 8.60
N9 PCG U . -5.20 -36.60 9.48
C8 PCG U . -4.16 -37.33 9.15
N7 PCG U . -3.23 -37.26 10.11
C5 PCG U . -3.70 -36.47 11.05
C6 PCG U . -3.22 -35.98 12.36
O6 PCG U . -2.13 -36.30 12.80
N1 PCG U . -4.01 -35.18 13.04
C2 PCG U . -5.19 -34.79 12.59
N2 PCG U . -5.89 -33.97 13.38
N3 PCG U . -5.69 -35.20 11.42
C4 PCG U . -5.00 -36.02 10.63
NA NA V . -4.41 -25.41 16.30
#